data_8UW4
#
_entry.id   8UW4
#
_cell.length_a   49.286
_cell.length_b   102.662
_cell.length_c   119.512
_cell.angle_alpha   90.00
_cell.angle_beta   94.38
_cell.angle_gamma   90.00
#
_symmetry.space_group_name_H-M   'P 1 21 1'
#
loop_
_entity.id
_entity.type
_entity.pdbx_description
1 polymer '5-hydroxyisourate hydrolase'
2 water water
#
_entity_poly.entity_id   1
_entity_poly.type   'polypeptide(L)'
_entity_poly.pdbx_seq_one_letter_code
;MGSSHHHHHHSSGLVPRGSHMGKLSTHVLDITKGKPGVGVKLALYAVGPVGKTLLKQAVTNSDGRCDEPLLAGEALQVGK
YELVFAAGDYFAAQGEQLPEPRFVDEVVIAFGIADASQNYHVPLVVSPWAYSTYRGS
;
_entity_poly.pdbx_strand_id   A,B,C,D,E,F,G,H
#
# COMPACT_ATOMS: atom_id res chain seq x y z
N GLY A 18 -35.65 16.09 -16.85
CA GLY A 18 -34.76 16.33 -15.73
C GLY A 18 -35.17 17.51 -14.88
N SER A 19 -34.81 17.50 -13.60
CA SER A 19 -35.16 18.60 -12.72
C SER A 19 -34.34 19.84 -13.03
N HIS A 20 -34.94 21.01 -12.81
CA HIS A 20 -34.29 22.31 -12.95
C HIS A 20 -33.82 22.90 -11.63
N MET A 21 -34.07 22.23 -10.51
CA MET A 21 -34.03 22.89 -9.21
C MET A 21 -32.73 22.68 -8.42
N GLY A 22 -31.88 21.75 -8.84
CA GLY A 22 -30.68 21.45 -8.08
C GLY A 22 -29.47 22.26 -8.51
N LYS A 23 -28.45 22.28 -7.64
CA LYS A 23 -27.22 22.96 -7.95
C LYS A 23 -26.07 22.36 -7.13
N LEU A 24 -24.94 22.15 -7.79
CA LEU A 24 -23.71 21.73 -7.14
C LEU A 24 -22.82 22.95 -6.91
N SER A 25 -22.30 23.08 -5.70
CA SER A 25 -21.43 24.20 -5.35
C SER A 25 -20.32 23.70 -4.43
N THR A 26 -19.32 24.56 -4.23
CA THR A 26 -18.20 24.24 -3.34
C THR A 26 -17.73 25.52 -2.66
N HIS A 27 -16.72 25.39 -1.81
CA HIS A 27 -16.19 26.52 -1.04
C HIS A 27 -14.82 26.13 -0.49
N VAL A 28 -13.77 26.83 -0.90
CA VAL A 28 -12.42 26.53 -0.48
C VAL A 28 -12.04 27.44 0.69
N LEU A 29 -11.60 26.84 1.78
CA LEU A 29 -11.21 27.56 2.99
C LEU A 29 -9.75 27.23 3.29
N ASP A 30 -8.90 28.25 3.30
CA ASP A 30 -7.48 28.10 3.64
C ASP A 30 -7.34 28.25 5.15
N ILE A 31 -7.01 27.15 5.83
CA ILE A 31 -6.89 27.17 7.28
C ILE A 31 -5.47 27.44 7.76
N THR A 32 -4.52 27.67 6.85
CA THR A 32 -3.25 28.22 7.28
C THR A 32 -3.30 29.74 7.40
N LYS A 33 -4.28 30.37 6.75
CA LYS A 33 -4.50 31.80 6.82
C LYS A 33 -5.81 32.20 7.49
N GLY A 34 -6.74 31.26 7.65
CA GLY A 34 -8.08 31.62 8.11
C GLY A 34 -8.86 32.44 7.13
N LYS A 35 -8.57 32.31 5.84
CA LYS A 35 -9.19 33.08 4.78
C LYS A 35 -9.71 32.13 3.71
N PRO A 36 -10.63 32.58 2.87
CA PRO A 36 -11.03 31.76 1.72
C PRO A 36 -9.86 31.56 0.77
N GLY A 37 -9.82 30.38 0.16
CA GLY A 37 -8.83 30.10 -0.86
C GLY A 37 -9.14 30.82 -2.15
N VAL A 38 -8.45 31.92 -2.42
CA VAL A 38 -8.72 32.78 -3.57
C VAL A 38 -7.76 32.43 -4.69
N GLY A 39 -8.29 32.25 -5.89
CA GLY A 39 -7.48 31.93 -7.04
C GLY A 39 -7.11 30.47 -7.18
N VAL A 40 -7.87 29.57 -6.56
CA VAL A 40 -7.63 28.14 -6.65
C VAL A 40 -8.37 27.61 -7.87
N LYS A 41 -7.63 27.01 -8.80
CA LYS A 41 -8.23 26.42 -9.98
C LYS A 41 -8.83 25.06 -9.65
N LEU A 42 -9.94 24.74 -10.31
CA LEU A 42 -10.61 23.48 -10.05
C LEU A 42 -11.31 23.00 -11.31
N ALA A 43 -11.67 21.73 -11.31
CA ALA A 43 -12.33 21.11 -12.44
C ALA A 43 -13.34 20.09 -11.91
N LEU A 44 -14.49 20.01 -12.56
CA LEU A 44 -15.52 19.04 -12.22
C LEU A 44 -15.57 17.96 -13.29
N TYR A 45 -15.57 16.70 -12.86
CA TYR A 45 -15.63 15.56 -13.74
C TYR A 45 -16.84 14.70 -13.40
N ALA A 46 -17.50 14.18 -14.43
CA ALA A 46 -18.44 13.09 -14.26
C ALA A 46 -17.69 11.78 -14.37
N VAL A 47 -17.99 10.83 -13.48
CA VAL A 47 -17.26 9.57 -13.41
C VAL A 47 -18.25 8.43 -13.60
N GLY A 48 -18.00 7.61 -14.62
CA GLY A 48 -18.85 6.48 -14.93
C GLY A 48 -18.09 5.34 -15.56
N PRO A 49 -18.80 4.30 -15.99
CA PRO A 49 -18.12 3.12 -16.55
C PRO A 49 -17.35 3.42 -17.83
N VAL A 50 -17.68 4.48 -18.55
CA VAL A 50 -17.03 4.78 -19.82
C VAL A 50 -15.83 5.71 -19.65
N GLY A 51 -15.55 6.17 -18.45
CA GLY A 51 -14.44 7.06 -18.18
C GLY A 51 -14.90 8.31 -17.45
N LYS A 52 -14.00 9.29 -17.41
CA LYS A 52 -14.26 10.57 -16.75
C LYS A 52 -14.44 11.64 -17.81
N THR A 53 -15.48 12.46 -17.66
CA THR A 53 -15.81 13.51 -18.62
C THR A 53 -15.67 14.86 -17.93
N LEU A 54 -14.83 15.73 -18.48
CA LEU A 54 -14.67 17.06 -17.95
C LEU A 54 -15.95 17.87 -18.15
N LEU A 55 -16.49 18.42 -17.06
CA LEU A 55 -17.72 19.21 -17.13
C LEU A 55 -17.50 20.71 -16.99
N LYS A 56 -16.49 21.14 -16.22
CA LYS A 56 -16.28 22.56 -16.01
C LYS A 56 -14.93 22.79 -15.37
N GLN A 57 -14.30 23.91 -15.74
CA GLN A 57 -13.14 24.43 -15.05
C GLN A 57 -13.47 25.81 -14.50
N ALA A 58 -13.00 26.09 -13.28
CA ALA A 58 -13.30 27.36 -12.64
C ALA A 58 -12.13 27.77 -11.76
N VAL A 59 -12.17 29.03 -11.33
CA VAL A 59 -11.20 29.60 -10.39
C VAL A 59 -11.98 30.25 -9.26
N THR A 60 -11.60 29.94 -8.02
CA THR A 60 -12.30 30.50 -6.87
C THR A 60 -12.16 32.02 -6.84
N ASN A 61 -13.23 32.70 -6.45
CA ASN A 61 -13.27 34.15 -6.38
C ASN A 61 -12.73 34.63 -5.03
N SER A 62 -12.97 35.90 -4.72
CA SER A 62 -12.40 36.48 -3.50
C SER A 62 -13.04 35.92 -2.23
N ASP A 63 -14.20 35.28 -2.36
CA ASP A 63 -14.83 34.59 -1.24
C ASP A 63 -14.56 33.09 -1.27
N GLY A 64 -13.64 32.62 -2.11
CA GLY A 64 -13.36 31.22 -2.19
C GLY A 64 -14.46 30.39 -2.83
N ARG A 65 -15.35 31.00 -3.60
CA ARG A 65 -16.46 30.33 -4.26
C ARG A 65 -16.33 30.49 -5.78
N CYS A 66 -17.34 30.04 -6.50
CA CYS A 66 -17.39 30.17 -7.95
C CYS A 66 -18.43 31.22 -8.34
N ASP A 67 -18.04 32.10 -9.27
CA ASP A 67 -18.96 33.15 -9.72
C ASP A 67 -20.21 32.55 -10.37
N GLU A 68 -20.07 31.42 -11.04
CA GLU A 68 -21.19 30.67 -11.61
C GLU A 68 -21.20 29.25 -11.05
N PRO A 69 -22.38 28.64 -10.93
CA PRO A 69 -22.44 27.28 -10.40
C PRO A 69 -21.64 26.30 -11.25
N LEU A 70 -21.09 25.28 -10.59
CA LEU A 70 -20.37 24.24 -11.30
C LEU A 70 -21.32 23.40 -12.15
N LEU A 71 -22.49 23.08 -11.60
CA LEU A 71 -23.50 22.27 -12.28
C LEU A 71 -24.83 22.60 -11.64
N ALA A 72 -25.87 22.71 -12.47
CA ALA A 72 -27.19 23.06 -11.96
C ALA A 72 -28.25 22.63 -12.95
N GLY A 73 -29.46 22.38 -12.43
CA GLY A 73 -30.62 22.16 -13.28
C GLY A 73 -30.52 20.87 -14.08
N GLU A 74 -30.96 20.96 -15.34
CA GLU A 74 -30.98 19.79 -16.21
C GLU A 74 -29.59 19.21 -16.43
N ALA A 75 -28.54 20.02 -16.25
CA ALA A 75 -27.19 19.51 -16.38
C ALA A 75 -26.72 18.77 -15.13
N LEU A 76 -27.37 18.99 -13.99
CA LEU A 76 -27.05 18.30 -12.75
C LEU A 76 -27.83 16.99 -12.73
N GLN A 77 -27.12 15.87 -12.82
CA GLN A 77 -27.75 14.57 -12.95
C GLN A 77 -27.23 13.59 -11.91
N VAL A 78 -28.04 12.56 -11.66
CA VAL A 78 -27.63 11.48 -10.76
C VAL A 78 -26.40 10.79 -11.32
N GLY A 79 -25.47 10.46 -10.44
CA GLY A 79 -24.26 9.77 -10.82
C GLY A 79 -23.12 10.13 -9.89
N LYS A 80 -21.93 9.68 -10.26
CA LYS A 80 -20.72 9.94 -9.51
C LYS A 80 -19.97 11.13 -10.11
N TYR A 81 -19.26 11.86 -9.25
CA TYR A 81 -18.53 13.05 -9.66
C TYR A 81 -17.20 13.11 -8.93
N GLU A 82 -16.30 13.91 -9.47
CA GLU A 82 -15.04 14.21 -8.81
C GLU A 82 -14.75 15.70 -9.01
N LEU A 83 -14.52 16.39 -7.90
CA LEU A 83 -13.99 17.74 -7.91
C LEU A 83 -12.49 17.68 -7.65
N VAL A 84 -11.71 18.33 -8.51
CA VAL A 84 -10.25 18.31 -8.43
C VAL A 84 -9.77 19.72 -8.16
N PHE A 85 -9.18 19.92 -6.98
CA PHE A 85 -8.68 21.23 -6.56
C PHE A 85 -7.17 21.26 -6.69
N ALA A 86 -6.65 22.28 -7.39
CA ALA A 86 -5.21 22.49 -7.52
C ALA A 86 -4.65 23.18 -6.27
N ALA A 87 -4.81 22.49 -5.14
CA ALA A 87 -4.38 23.05 -3.86
C ALA A 87 -2.87 23.28 -3.85
N GLY A 88 -2.10 22.40 -4.49
CA GLY A 88 -0.66 22.53 -4.44
C GLY A 88 -0.15 23.79 -5.11
N ASP A 89 -0.71 24.14 -6.28
CA ASP A 89 -0.32 25.38 -6.94
C ASP A 89 -0.78 26.59 -6.14
N TYR A 90 -1.96 26.51 -5.52
CA TYR A 90 -2.43 27.61 -4.68
C TYR A 90 -1.44 27.93 -3.57
N PHE A 91 -1.10 26.92 -2.75
CA PHE A 91 -0.20 27.17 -1.63
C PHE A 91 1.19 27.55 -2.11
N ALA A 92 1.61 27.06 -3.29
CA ALA A 92 2.87 27.49 -3.86
C ALA A 92 2.81 28.96 -4.27
N ALA A 93 1.69 29.39 -4.85
CA ALA A 93 1.52 30.79 -5.19
C ALA A 93 1.47 31.69 -3.95
N GLN A 94 1.26 31.12 -2.77
CA GLN A 94 1.16 31.89 -1.53
C GLN A 94 2.49 31.97 -0.79
N GLY A 95 3.57 31.43 -1.36
CA GLY A 95 4.88 31.52 -0.74
C GLY A 95 5.35 30.27 -0.04
N GLU A 96 4.52 29.22 0.04
CA GLU A 96 4.95 27.97 0.66
C GLU A 96 5.95 27.26 -0.23
N GLN A 97 7.12 26.95 0.32
CA GLN A 97 8.18 26.23 -0.39
C GLN A 97 8.17 24.79 0.10
N LEU A 98 7.56 23.90 -0.67
CA LEU A 98 7.42 22.53 -0.22
C LEU A 98 8.05 21.56 -1.22
N PRO A 99 8.80 20.57 -0.73
CA PRO A 99 9.43 19.61 -1.65
C PRO A 99 8.39 18.83 -2.44
N GLU A 100 8.68 18.61 -3.73
CA GLU A 100 7.78 17.92 -4.64
C GLU A 100 8.17 16.45 -4.79
N PRO A 101 7.17 15.57 -4.97
CA PRO A 101 5.72 15.85 -5.05
C PRO A 101 5.15 16.29 -3.71
N ARG A 102 4.41 17.40 -3.71
CA ARG A 102 3.81 17.91 -2.49
C ARG A 102 2.86 16.87 -1.90
N PHE A 103 2.79 16.82 -0.56
CA PHE A 103 1.84 15.92 0.09
C PHE A 103 0.42 16.23 -0.33
N VAL A 104 0.07 17.52 -0.37
CA VAL A 104 -1.21 17.97 -0.89
C VAL A 104 -0.93 18.72 -2.18
N ASP A 105 -1.27 18.10 -3.32
CA ASP A 105 -1.11 18.74 -4.61
C ASP A 105 -2.50 18.91 -5.19
N GLU A 106 -2.91 18.08 -6.13
CA GLU A 106 -4.27 18.10 -6.65
C GLU A 106 -5.14 17.25 -5.74
N VAL A 107 -6.11 17.88 -5.08
CA VAL A 107 -7.02 17.19 -4.17
C VAL A 107 -8.21 16.69 -4.96
N VAL A 108 -8.48 15.38 -4.85
CA VAL A 108 -9.59 14.72 -5.54
C VAL A 108 -10.68 14.44 -4.52
N ILE A 109 -11.84 15.05 -4.70
CA ILE A 109 -13.01 14.79 -3.86
C ILE A 109 -14.01 14.03 -4.72
N ALA A 110 -14.06 12.72 -4.56
CA ALA A 110 -15.06 11.89 -5.21
C ALA A 110 -16.33 11.87 -4.35
N PHE A 111 -17.48 12.02 -4.99
CA PHE A 111 -18.75 11.99 -4.28
C PHE A 111 -19.86 11.58 -5.24
N GLY A 112 -20.97 11.12 -4.68
CA GLY A 112 -22.12 10.70 -5.45
C GLY A 112 -23.31 11.62 -5.23
N ILE A 113 -24.15 11.75 -6.25
CA ILE A 113 -25.36 12.56 -6.20
C ILE A 113 -26.54 11.64 -6.45
N ALA A 114 -27.40 11.47 -5.44
CA ALA A 114 -28.51 10.53 -5.53
C ALA A 114 -29.83 11.19 -5.89
N ASP A 115 -29.94 12.51 -5.74
CA ASP A 115 -31.17 13.24 -6.04
C ASP A 115 -30.77 14.49 -6.82
N ALA A 116 -31.14 14.53 -8.10
CA ALA A 116 -30.74 15.64 -8.96
C ALA A 116 -31.49 16.93 -8.66
N SER A 117 -32.60 16.87 -7.94
CA SER A 117 -33.37 18.08 -7.64
C SER A 117 -32.86 18.85 -6.43
N GLN A 118 -31.96 18.27 -5.65
CA GLN A 118 -31.49 18.87 -4.41
C GLN A 118 -30.16 19.56 -4.61
N ASN A 119 -29.85 20.49 -3.70
CA ASN A 119 -28.58 21.19 -3.72
C ASN A 119 -27.51 20.38 -3.01
N TYR A 120 -26.32 20.34 -3.58
CA TYR A 120 -25.17 19.70 -2.96
C TYR A 120 -24.04 20.72 -2.85
N HIS A 121 -23.68 21.06 -1.62
CA HIS A 121 -22.57 21.97 -1.33
C HIS A 121 -21.43 21.14 -0.74
N VAL A 122 -20.32 21.07 -1.48
CA VAL A 122 -19.19 20.22 -1.11
C VAL A 122 -17.95 21.08 -0.90
N PRO A 123 -17.73 21.63 0.29
CA PRO A 123 -16.59 22.53 0.49
C PRO A 123 -15.30 21.78 0.80
N LEU A 124 -14.19 22.51 0.68
CA LEU A 124 -12.87 21.98 0.93
C LEU A 124 -12.20 22.83 2.01
N VAL A 125 -11.81 22.20 3.11
CA VAL A 125 -11.11 22.84 4.22
C VAL A 125 -9.70 22.27 4.21
N VAL A 126 -8.71 23.05 3.77
CA VAL A 126 -7.43 22.50 3.34
C VAL A 126 -6.25 23.25 3.94
N SER A 127 -5.20 22.52 4.28
CA SER A 127 -3.85 23.01 4.51
C SER A 127 -2.92 22.20 3.62
N PRO A 128 -1.66 22.59 3.51
CA PRO A 128 -0.70 21.77 2.74
C PRO A 128 -0.47 20.38 3.31
N TRP A 129 -0.92 20.09 4.53
CA TRP A 129 -0.71 18.79 5.15
C TRP A 129 -1.99 18.14 5.64
N ALA A 130 -3.15 18.66 5.25
CA ALA A 130 -4.42 18.12 5.71
C ALA A 130 -5.53 18.72 4.88
N TYR A 131 -6.66 18.01 4.83
CA TYR A 131 -7.87 18.58 4.28
C TYR A 131 -9.06 17.76 4.76
N SER A 132 -10.23 18.39 4.71
CA SER A 132 -11.48 17.75 5.07
C SER A 132 -12.55 18.20 4.10
N THR A 133 -13.57 17.36 3.96
CA THR A 133 -14.72 17.71 3.14
C THR A 133 -15.96 17.07 3.75
N TYR A 134 -17.12 17.58 3.34
CA TYR A 134 -18.39 17.13 3.86
C TYR A 134 -19.49 17.64 2.93
N ARG A 135 -20.69 17.09 3.09
CA ARG A 135 -21.87 17.66 2.48
C ARG A 135 -22.40 18.74 3.43
N GLY A 136 -22.27 20.00 3.02
CA GLY A 136 -22.76 21.11 3.81
C GLY A 136 -24.17 21.52 3.40
N SER A 137 -24.55 22.72 3.83
CA SER A 137 -25.84 23.28 3.44
C SER A 137 -25.66 24.68 2.83
N MET B 21 13.59 2.21 4.60
CA MET B 21 13.55 2.92 5.87
C MET B 21 12.13 3.44 6.15
N GLY B 22 11.63 4.32 5.30
CA GLY B 22 10.30 4.89 5.52
C GLY B 22 9.19 3.88 5.32
N LYS B 23 8.07 4.11 6.01
CA LYS B 23 6.90 3.24 5.96
C LYS B 23 5.65 4.06 5.69
N LEU B 24 4.76 3.51 4.88
CA LEU B 24 3.45 4.11 4.61
C LEU B 24 2.37 3.28 5.28
N SER B 25 1.52 3.94 6.05
CA SER B 25 0.48 3.27 6.82
C SER B 25 -0.79 4.11 6.76
N THR B 26 -1.89 3.53 7.25
CA THR B 26 -3.16 4.24 7.29
C THR B 26 -3.96 3.78 8.50
N HIS B 27 -5.13 4.41 8.67
CA HIS B 27 -5.99 4.15 9.82
C HIS B 27 -7.38 4.68 9.48
N VAL B 28 -8.40 3.82 9.61
CA VAL B 28 -9.77 4.18 9.31
C VAL B 28 -10.52 4.35 10.62
N LEU B 29 -11.15 5.51 10.80
CA LEU B 29 -11.95 5.78 11.99
C LEU B 29 -13.38 6.08 11.59
N ASP B 30 -14.31 5.31 12.18
CA ASP B 30 -15.75 5.51 11.97
C ASP B 30 -16.24 6.47 13.06
N ILE B 31 -16.55 7.70 12.66
CA ILE B 31 -16.93 8.75 13.61
C ILE B 31 -18.44 8.76 13.81
N THR B 32 -19.15 7.79 13.22
CA THR B 32 -20.55 7.63 13.53
C THR B 32 -20.76 6.80 14.79
N LYS B 33 -19.79 5.95 15.14
CA LYS B 33 -19.85 5.17 16.36
C LYS B 33 -18.64 5.35 17.26
N GLY B 34 -17.66 6.15 16.85
CA GLY B 34 -16.47 6.37 17.66
C GLY B 34 -15.59 5.13 17.78
N LYS B 35 -15.51 4.34 16.73
CA LYS B 35 -14.76 3.09 16.71
C LYS B 35 -13.93 3.02 15.45
N PRO B 36 -12.89 2.18 15.43
CA PRO B 36 -12.13 1.97 14.20
C PRO B 36 -13.00 1.32 13.13
N GLY B 37 -12.76 1.70 11.88
CA GLY B 37 -13.40 1.06 10.75
C GLY B 37 -12.78 -0.30 10.46
N VAL B 38 -13.50 -1.36 10.80
CA VAL B 38 -13.00 -2.73 10.71
C VAL B 38 -13.58 -3.40 9.47
N GLY B 39 -12.71 -4.04 8.68
CA GLY B 39 -13.14 -4.69 7.47
C GLY B 39 -13.24 -3.78 6.27
N VAL B 40 -12.61 -2.62 6.31
CA VAL B 40 -12.65 -1.67 5.19
C VAL B 40 -11.65 -2.13 4.15
N LYS B 41 -12.14 -2.46 2.95
CA LYS B 41 -11.26 -2.82 1.86
C LYS B 41 -10.66 -1.57 1.23
N LEU B 42 -9.36 -1.64 0.92
CA LEU B 42 -8.65 -0.51 0.37
C LEU B 42 -7.73 -0.97 -0.74
N ALA B 43 -7.26 0.00 -1.54
CA ALA B 43 -6.31 -0.28 -2.60
C ALA B 43 -5.35 0.91 -2.74
N LEU B 44 -4.07 0.62 -2.87
CA LEU B 44 -3.05 1.64 -3.05
C LEU B 44 -2.59 1.63 -4.50
N TYR B 45 -2.51 2.82 -5.10
CA TYR B 45 -2.08 2.99 -6.47
C TYR B 45 -0.90 3.94 -6.54
N ALA B 46 0.03 3.67 -7.45
CA ALA B 46 1.01 4.64 -7.89
C ALA B 46 0.45 5.43 -9.06
N VAL B 47 0.65 6.74 -9.05
CA VAL B 47 0.07 7.64 -10.05
C VAL B 47 1.20 8.27 -10.84
N GLY B 48 1.28 7.91 -12.12
CA GLY B 48 2.30 8.43 -13.00
C GLY B 48 1.71 9.16 -14.18
N PRO B 49 2.56 9.55 -15.13
CA PRO B 49 2.06 10.31 -16.28
C PRO B 49 1.23 9.47 -17.25
N VAL B 50 1.49 8.17 -17.37
CA VAL B 50 0.80 7.36 -18.37
C VAL B 50 -0.29 6.50 -17.77
N GLY B 51 -0.49 6.53 -16.46
CA GLY B 51 -1.60 5.82 -15.86
C GLY B 51 -1.32 5.50 -14.40
N LYS B 52 -2.25 4.75 -13.82
CA LYS B 52 -2.16 4.31 -12.43
C LYS B 52 -1.81 2.83 -12.39
N THR B 53 -1.04 2.44 -11.38
CA THR B 53 -0.60 1.07 -11.20
C THR B 53 -1.00 0.61 -9.81
N LEU B 54 -1.75 -0.49 -9.74
CA LEU B 54 -2.13 -1.06 -8.45
C LEU B 54 -0.89 -1.56 -7.72
N LEU B 55 -0.69 -1.08 -6.51
CA LEU B 55 0.43 -1.51 -5.67
C LEU B 55 0.02 -2.58 -4.66
N LYS B 56 -1.16 -2.44 -4.05
CA LYS B 56 -1.56 -3.35 -3.00
C LYS B 56 -3.07 -3.28 -2.80
N GLN B 57 -3.66 -4.42 -2.49
CA GLN B 57 -5.04 -4.51 -2.00
C GLN B 57 -5.00 -5.07 -0.59
N ALA B 58 -5.77 -4.45 0.31
CA ALA B 58 -5.70 -4.82 1.71
C ALA B 58 -7.03 -4.50 2.38
N VAL B 59 -7.14 -4.93 3.64
CA VAL B 59 -8.35 -4.75 4.44
C VAL B 59 -7.93 -4.34 5.84
N THR B 60 -8.66 -3.39 6.43
CA THR B 60 -8.34 -2.96 7.79
C THR B 60 -8.63 -4.07 8.80
N ASN B 61 -7.88 -4.06 9.89
CA ASN B 61 -7.99 -5.08 10.93
C ASN B 61 -8.93 -4.58 12.04
N SER B 62 -8.89 -5.23 13.20
CA SER B 62 -9.77 -4.87 14.31
C SER B 62 -9.46 -3.51 14.88
N ASP B 63 -8.25 -2.99 14.66
CA ASP B 63 -7.88 -1.65 15.11
C ASP B 63 -7.95 -0.63 13.99
N GLY B 64 -8.57 -0.99 12.87
CA GLY B 64 -8.74 -0.05 11.76
C GLY B 64 -7.48 0.22 10.97
N ARG B 65 -6.40 -0.51 11.23
CA ARG B 65 -5.14 -0.37 10.53
C ARG B 65 -4.90 -1.60 9.67
N CYS B 66 -3.75 -1.66 9.04
CA CYS B 66 -3.32 -2.83 8.28
C CYS B 66 -2.25 -3.57 9.05
N ASP B 67 -2.35 -4.90 9.05
CA ASP B 67 -1.37 -5.73 9.77
C ASP B 67 0.04 -5.47 9.27
N GLU B 68 0.19 -5.19 7.99
CA GLU B 68 1.46 -4.84 7.39
C GLU B 68 1.44 -3.41 6.89
N PRO B 69 2.60 -2.76 6.77
CA PRO B 69 2.64 -1.44 6.13
C PRO B 69 2.22 -1.55 4.66
N LEU B 70 1.52 -0.51 4.19
CA LEU B 70 1.14 -0.47 2.79
C LEU B 70 2.36 -0.46 1.88
N LEU B 71 3.38 0.32 2.24
CA LEU B 71 4.66 0.34 1.55
C LEU B 71 5.77 0.42 2.58
N ALA B 72 6.87 -0.27 2.32
CA ALA B 72 8.01 -0.30 3.24
C ALA B 72 9.27 -0.55 2.45
N GLY B 73 10.38 0.04 2.94
CA GLY B 73 11.67 -0.19 2.31
C GLY B 73 11.72 0.30 0.89
N GLU B 74 12.29 -0.53 0.02
CA GLU B 74 12.45 -0.16 -1.38
C GLU B 74 11.13 0.03 -2.09
N ALA B 75 10.03 -0.52 -1.55
CA ALA B 75 8.72 -0.29 -2.14
C ALA B 75 8.26 1.15 -1.96
N LEU B 76 8.72 1.82 -0.91
CA LEU B 76 8.37 3.23 -0.69
C LEU B 76 9.29 4.09 -1.53
N GLN B 77 8.74 4.73 -2.56
CA GLN B 77 9.51 5.57 -3.46
C GLN B 77 8.88 6.95 -3.57
N VAL B 78 9.69 7.91 -4.01
CA VAL B 78 9.20 9.25 -4.26
C VAL B 78 8.23 9.23 -5.43
N GLY B 79 7.07 9.85 -5.27
CA GLY B 79 6.10 9.91 -6.32
C GLY B 79 4.71 10.20 -5.77
N LYS B 80 3.74 10.17 -6.67
CA LYS B 80 2.35 10.38 -6.32
C LYS B 80 1.63 9.05 -6.11
N TYR B 81 0.65 9.07 -5.21
CA TYR B 81 -0.11 7.87 -4.88
C TYR B 81 -1.58 8.23 -4.72
N GLU B 82 -2.43 7.20 -4.75
CA GLU B 82 -3.84 7.35 -4.40
C GLU B 82 -4.22 6.17 -3.52
N LEU B 83 -4.75 6.46 -2.34
CA LEU B 83 -5.39 5.47 -1.49
C LEU B 83 -6.89 5.52 -1.75
N VAL B 84 -7.48 4.37 -2.09
CA VAL B 84 -8.90 4.25 -2.36
C VAL B 84 -9.51 3.36 -1.29
N PHE B 85 -10.54 3.87 -0.63
CA PHE B 85 -11.24 3.17 0.45
C PHE B 85 -12.66 2.85 0.02
N ALA B 86 -13.09 1.62 0.23
CA ALA B 86 -14.45 1.21 -0.07
C ALA B 86 -15.35 1.53 1.13
N ALA B 87 -15.48 2.83 1.41
CA ALA B 87 -16.17 3.27 2.61
C ALA B 87 -17.66 3.00 2.52
N GLY B 88 -18.25 3.22 1.34
CA GLY B 88 -19.68 3.00 1.17
C GLY B 88 -20.08 1.56 1.45
N ASP B 89 -19.30 0.60 0.93
CA ASP B 89 -19.55 -0.80 1.24
C ASP B 89 -19.47 -1.07 2.74
N TYR B 90 -18.53 -0.41 3.41
CA TYR B 90 -18.40 -0.60 4.86
C TYR B 90 -19.64 -0.11 5.59
N PHE B 91 -20.17 1.05 5.19
CA PHE B 91 -21.35 1.59 5.87
C PHE B 91 -22.60 0.78 5.55
N ALA B 92 -22.68 0.16 4.37
CA ALA B 92 -23.79 -0.73 4.07
C ALA B 92 -23.77 -1.94 4.98
N ALA B 93 -22.59 -2.54 5.19
CA ALA B 93 -22.48 -3.70 6.07
C ALA B 93 -22.81 -3.34 7.51
N GLN B 94 -22.62 -2.08 7.91
CA GLN B 94 -22.96 -1.64 9.26
C GLN B 94 -24.43 -1.30 9.41
N GLY B 95 -25.23 -1.43 8.36
CA GLY B 95 -26.67 -1.23 8.45
C GLY B 95 -27.19 0.08 7.89
N GLU B 96 -26.30 0.97 7.45
CA GLU B 96 -26.73 2.26 6.93
C GLU B 96 -27.43 2.07 5.58
N GLN B 97 -28.68 2.52 5.48
CA GLN B 97 -29.50 2.31 4.28
C GLN B 97 -29.60 3.64 3.54
N LEU B 98 -28.68 3.86 2.60
CA LEU B 98 -28.59 5.14 1.92
C LEU B 98 -28.95 5.02 0.45
N PRO B 99 -29.66 5.99 -0.11
CA PRO B 99 -29.94 5.95 -1.55
C PRO B 99 -28.66 5.93 -2.37
N GLU B 100 -28.76 5.39 -3.58
CA GLU B 100 -27.59 5.24 -4.41
C GLU B 100 -27.67 6.10 -5.66
N PRO B 101 -26.54 6.65 -6.14
CA PRO B 101 -25.18 6.50 -5.62
C PRO B 101 -24.96 7.25 -4.29
N ARG B 102 -24.26 6.62 -3.36
CA ARG B 102 -24.01 7.23 -2.06
C ARG B 102 -23.12 8.46 -2.21
N PHE B 103 -23.37 9.46 -1.36
CA PHE B 103 -22.49 10.62 -1.33
C PHE B 103 -21.05 10.20 -1.05
N VAL B 104 -20.87 9.29 -0.10
CA VAL B 104 -19.57 8.69 0.19
C VAL B 104 -19.65 7.21 -0.20
N ASP B 105 -18.90 6.84 -1.23
CA ASP B 105 -18.78 5.43 -1.59
C ASP B 105 -17.32 5.02 -1.51
N GLU B 106 -16.60 5.16 -2.62
CA GLU B 106 -15.16 4.94 -2.65
C GLU B 106 -14.47 6.28 -2.45
N VAL B 107 -13.74 6.41 -1.33
CA VAL B 107 -13.04 7.64 -1.00
C VAL B 107 -11.65 7.58 -1.60
N VAL B 108 -11.30 8.60 -2.37
CA VAL B 108 -10.01 8.66 -3.05
C VAL B 108 -9.16 9.72 -2.34
N ILE B 109 -8.00 9.29 -1.84
CA ILE B 109 -7.06 10.18 -1.15
C ILE B 109 -5.81 10.22 -2.00
N ALA B 110 -5.65 11.28 -2.78
CA ALA B 110 -4.43 11.50 -3.55
C ALA B 110 -3.42 12.29 -2.73
N PHE B 111 -2.17 11.85 -2.76
CA PHE B 111 -1.12 12.48 -1.97
C PHE B 111 0.23 12.15 -2.61
N GLY B 112 1.21 12.99 -2.32
CA GLY B 112 2.56 12.83 -2.85
C GLY B 112 3.56 12.59 -1.74
N ILE B 113 4.50 11.68 -1.98
CA ILE B 113 5.56 11.36 -1.03
C ILE B 113 6.85 11.96 -1.55
N ALA B 114 7.37 12.97 -0.84
CA ALA B 114 8.57 13.67 -1.28
C ALA B 114 9.85 13.04 -0.76
N ASP B 115 9.81 12.40 0.41
CA ASP B 115 11.01 11.90 1.08
C ASP B 115 10.78 10.45 1.48
N ALA B 116 11.33 9.51 0.68
CA ALA B 116 11.15 8.09 0.95
C ALA B 116 11.78 7.63 2.25
N SER B 117 12.61 8.45 2.89
CA SER B 117 13.21 8.07 4.16
C SER B 117 12.30 8.29 5.35
N GLN B 118 11.23 9.07 5.18
CA GLN B 118 10.32 9.41 6.27
C GLN B 118 9.11 8.49 6.29
N ASN B 119 8.58 8.26 7.48
CA ASN B 119 7.31 7.55 7.61
C ASN B 119 6.17 8.46 7.18
N TYR B 120 5.19 7.88 6.50
CA TYR B 120 3.99 8.59 6.09
C TYR B 120 2.77 7.84 6.63
N HIS B 121 2.02 8.50 7.50
CA HIS B 121 0.80 7.93 8.08
C HIS B 121 -0.39 8.76 7.61
N VAL B 122 -1.25 8.14 6.81
CA VAL B 122 -2.36 8.85 6.15
C VAL B 122 -3.68 8.22 6.57
N PRO B 123 -4.30 8.68 7.64
CA PRO B 123 -5.54 8.06 8.12
C PRO B 123 -6.77 8.64 7.42
N LEU B 124 -7.90 7.97 7.65
CA LEU B 124 -9.19 8.39 7.12
C LEU B 124 -10.17 8.48 8.27
N VAL B 125 -10.71 9.68 8.48
CA VAL B 125 -11.69 9.97 9.53
C VAL B 125 -13.01 10.25 8.81
N VAL B 126 -13.94 9.30 8.83
CA VAL B 126 -15.01 9.27 7.85
C VAL B 126 -16.36 9.00 8.50
N SER B 127 -17.41 9.62 7.94
CA SER B 127 -18.80 9.26 8.12
C SER B 127 -19.42 9.15 6.73
N PRO B 128 -20.66 8.65 6.62
CA PRO B 128 -21.28 8.59 5.29
C PRO B 128 -21.48 9.94 4.62
N TRP B 129 -21.24 11.04 5.33
CA TRP B 129 -21.47 12.37 4.80
C TRP B 129 -20.27 13.30 4.97
N ALA B 130 -19.13 12.77 5.40
CA ALA B 130 -17.96 13.61 5.64
C ALA B 130 -16.73 12.73 5.73
N TYR B 131 -15.57 13.32 5.43
CA TYR B 131 -14.31 12.65 5.70
C TYR B 131 -13.18 13.66 5.71
N SER B 132 -12.12 13.31 6.44
CA SER B 132 -10.92 14.12 6.50
C SER B 132 -9.70 13.21 6.49
N THR B 133 -8.58 13.78 6.04
CA THR B 133 -7.30 13.10 6.06
C THR B 133 -6.23 14.10 6.44
N TYR B 134 -5.07 13.58 6.85
CA TYR B 134 -3.95 14.43 7.23
C TYR B 134 -2.68 13.60 7.19
N ARG B 135 -1.55 14.31 7.10
CA ARG B 135 -0.25 13.67 7.26
C ARG B 135 -0.03 13.48 8.74
N GLY B 136 -0.26 12.27 9.23
CA GLY B 136 -0.16 11.95 10.64
C GLY B 136 1.25 11.59 11.05
N SER B 137 1.36 11.02 12.25
CA SER B 137 2.64 10.59 12.78
C SER B 137 2.51 9.24 13.48
N MET C 21 -19.91 46.65 8.70
CA MET C 21 -19.90 46.20 10.09
C MET C 21 -19.67 44.69 10.19
N GLY C 22 -18.64 44.28 10.93
CA GLY C 22 -18.36 42.87 11.09
C GLY C 22 -19.39 42.19 11.98
N LYS C 23 -19.62 40.91 11.70
CA LYS C 23 -20.63 40.15 12.44
C LYS C 23 -20.09 38.76 12.77
N LEU C 24 -20.53 38.24 13.91
CA LEU C 24 -20.24 36.87 14.33
C LEU C 24 -21.45 36.00 14.01
N SER C 25 -21.20 34.87 13.36
CA SER C 25 -22.26 33.93 13.02
C SER C 25 -21.75 32.51 13.20
N THR C 26 -22.66 31.55 13.09
CA THR C 26 -22.32 30.15 13.28
C THR C 26 -23.20 29.28 12.38
N HIS C 27 -22.92 27.99 12.40
CA HIS C 27 -23.63 27.03 11.54
C HIS C 27 -23.35 25.64 12.07
N VAL C 28 -24.39 24.88 12.36
CA VAL C 28 -24.24 23.53 12.90
C VAL C 28 -24.60 22.54 11.79
N LEU C 29 -23.67 21.63 11.51
CA LEU C 29 -23.84 20.61 10.49
C LEU C 29 -23.76 19.23 11.12
N ASP C 30 -24.79 18.41 10.90
CA ASP C 30 -24.85 17.04 11.40
C ASP C 30 -24.28 16.11 10.34
N ILE C 31 -23.06 15.62 10.55
CA ILE C 31 -22.41 14.75 9.56
C ILE C 31 -22.81 13.29 9.69
N THR C 32 -23.71 12.96 10.62
CA THR C 32 -24.31 11.63 10.63
C THR C 32 -25.41 11.48 9.59
N LYS C 33 -26.00 12.59 9.16
CA LYS C 33 -27.06 12.57 8.16
C LYS C 33 -26.80 13.59 7.04
N GLY C 34 -25.65 14.26 7.07
CA GLY C 34 -25.33 15.24 6.04
C GLY C 34 -26.37 16.34 5.92
N LYS C 35 -26.87 16.82 7.04
CA LYS C 35 -27.97 17.77 7.07
C LYS C 35 -27.64 18.86 8.10
N PRO C 36 -28.27 20.03 7.98
CA PRO C 36 -28.10 21.06 9.00
C PRO C 36 -28.58 20.57 10.37
N GLY C 37 -27.89 21.03 11.41
CA GLY C 37 -28.35 20.76 12.76
C GLY C 37 -29.43 21.74 13.17
N VAL C 38 -30.66 21.25 13.24
CA VAL C 38 -31.83 22.10 13.49
C VAL C 38 -32.24 21.97 14.95
N GLY C 39 -32.53 23.11 15.58
CA GLY C 39 -32.94 23.11 16.96
C GLY C 39 -31.82 23.02 17.98
N VAL C 40 -30.57 23.18 17.55
CA VAL C 40 -29.43 23.11 18.46
C VAL C 40 -29.40 24.37 19.31
N LYS C 41 -29.62 24.22 20.61
CA LYS C 41 -29.51 25.36 21.51
C LYS C 41 -28.05 25.74 21.70
N LEU C 42 -27.78 27.04 21.69
CA LEU C 42 -26.42 27.53 21.87
C LEU C 42 -26.45 28.80 22.70
N ALA C 43 -25.29 29.13 23.28
CA ALA C 43 -25.12 30.30 24.12
C ALA C 43 -23.75 30.92 23.85
N LEU C 44 -23.70 32.24 23.86
CA LEU C 44 -22.47 32.99 23.62
C LEU C 44 -22.01 33.65 24.91
N TYR C 45 -20.74 33.48 25.24
CA TYR C 45 -20.15 34.06 26.45
C TYR C 45 -18.97 34.94 26.09
N ALA C 46 -18.90 36.11 26.73
CA ALA C 46 -17.69 36.92 26.70
C ALA C 46 -16.78 36.47 27.85
N VAL C 47 -15.52 36.22 27.54
CA VAL C 47 -14.58 35.65 28.50
C VAL C 47 -13.61 36.75 28.93
N GLY C 48 -13.47 36.92 30.24
CA GLY C 48 -12.53 37.87 30.79
C GLY C 48 -11.63 37.23 31.83
N PRO C 49 -10.76 38.02 32.44
CA PRO C 49 -9.85 37.46 33.46
C PRO C 49 -10.55 36.88 34.68
N VAL C 50 -11.66 37.49 35.12
CA VAL C 50 -12.31 37.05 36.36
C VAL C 50 -13.47 36.08 36.13
N GLY C 51 -14.08 36.09 34.96
CA GLY C 51 -15.20 35.19 34.72
C GLY C 51 -15.75 35.35 33.32
N LYS C 52 -16.89 34.69 33.11
CA LYS C 52 -17.58 34.69 31.83
C LYS C 52 -18.94 35.36 31.99
N THR C 53 -19.38 36.04 30.94
CA THR C 53 -20.64 36.75 30.93
C THR C 53 -21.48 36.29 29.74
N LEU C 54 -22.67 35.78 30.02
CA LEU C 54 -23.58 35.37 28.96
C LEU C 54 -24.01 36.59 28.14
N LEU C 55 -23.81 36.51 26.83
CA LEU C 55 -24.19 37.57 25.90
C LEU C 55 -25.50 37.27 25.18
N LYS C 56 -25.70 36.03 24.75
CA LYS C 56 -26.88 35.71 23.96
C LYS C 56 -27.15 34.21 24.02
N GLN C 57 -28.42 33.86 23.86
CA GLN C 57 -28.84 32.49 23.65
C GLN C 57 -29.61 32.41 22.34
N ALA C 58 -29.47 31.30 21.63
CA ALA C 58 -30.10 31.17 20.33
C ALA C 58 -30.37 29.70 20.04
N VAL C 59 -31.18 29.47 19.01
CA VAL C 59 -31.50 28.13 18.54
C VAL C 59 -31.34 28.13 17.02
N THR C 60 -30.65 27.11 16.49
CA THR C 60 -30.42 27.07 15.05
C THR C 60 -31.73 26.84 14.31
N ASN C 61 -31.84 27.47 13.14
CA ASN C 61 -33.05 27.39 12.33
C ASN C 61 -32.95 26.19 11.38
N SER C 62 -33.85 26.15 10.37
CA SER C 62 -33.91 25.02 9.47
C SER C 62 -32.66 24.85 8.63
N ASP C 63 -31.85 25.89 8.49
CA ASP C 63 -30.59 25.82 7.76
C ASP C 63 -29.40 25.65 8.70
N GLY C 64 -29.64 25.39 9.97
CA GLY C 64 -28.56 25.22 10.92
C GLY C 64 -27.84 26.49 11.32
N ARG C 65 -28.40 27.65 10.99
CA ARG C 65 -27.82 28.94 11.34
C ARG C 65 -28.74 29.67 12.33
N CYS C 66 -28.37 30.89 12.66
CA CYS C 66 -29.18 31.73 13.53
C CYS C 66 -29.90 32.79 12.70
N ASP C 67 -31.18 33.01 13.02
CA ASP C 67 -31.97 34.01 12.28
C ASP C 67 -31.31 35.37 12.31
N GLU C 68 -30.65 35.71 13.42
CA GLU C 68 -29.92 36.94 13.57
C GLU C 68 -28.46 36.66 13.86
N PRO C 69 -27.55 37.55 13.47
CA PRO C 69 -26.15 37.37 13.85
C PRO C 69 -26.01 37.32 15.37
N LEU C 70 -25.12 36.45 15.84
CA LEU C 70 -24.85 36.37 17.27
C LEU C 70 -24.34 37.71 17.79
N LEU C 71 -23.44 38.34 17.05
CA LEU C 71 -22.95 39.68 17.37
C LEU C 71 -22.80 40.47 16.07
N ALA C 72 -23.16 41.74 16.12
CA ALA C 72 -23.02 42.63 14.98
C ALA C 72 -22.82 44.05 15.47
N GLY C 73 -22.27 44.88 14.60
CA GLY C 73 -22.14 46.30 14.91
C GLY C 73 -21.26 46.55 16.14
N GLU C 74 -21.73 47.46 17.00
CA GLU C 74 -20.97 47.83 18.18
C GLU C 74 -20.91 46.70 19.20
N ALA C 75 -21.80 45.71 19.11
CA ALA C 75 -21.76 44.60 20.04
C ALA C 75 -20.57 43.68 19.77
N LEU C 76 -20.12 43.61 18.52
CA LEU C 76 -18.95 42.82 18.15
C LEU C 76 -17.70 43.60 18.58
N GLN C 77 -17.08 43.18 19.68
CA GLN C 77 -15.90 43.85 20.20
C GLN C 77 -14.71 42.90 20.19
N VAL C 78 -13.53 43.49 20.13
CA VAL C 78 -12.29 42.73 20.30
C VAL C 78 -12.28 42.10 21.68
N GLY C 79 -12.09 40.78 21.73
CA GLY C 79 -12.01 40.08 23.00
C GLY C 79 -12.02 38.59 22.79
N LYS C 80 -12.18 37.87 23.90
CA LYS C 80 -12.26 36.42 23.90
C LYS C 80 -13.68 35.97 24.17
N TYR C 81 -14.09 34.87 23.53
CA TYR C 81 -15.48 34.42 23.58
C TYR C 81 -15.53 32.91 23.74
N GLU C 82 -16.71 32.40 24.07
CA GLU C 82 -16.98 30.96 24.08
C GLU C 82 -18.35 30.71 23.50
N LEU C 83 -18.41 29.89 22.44
CA LEU C 83 -19.68 29.40 21.90
C LEU C 83 -19.92 28.01 22.46
N VAL C 84 -21.04 27.83 23.15
CA VAL C 84 -21.39 26.56 23.78
C VAL C 84 -22.58 25.98 23.05
N PHE C 85 -22.38 24.82 22.42
CA PHE C 85 -23.43 24.14 21.66
C PHE C 85 -23.92 22.94 22.46
N ALA C 86 -25.25 22.80 22.57
CA ALA C 86 -25.84 21.63 23.23
C ALA C 86 -26.01 20.49 22.23
N ALA C 87 -24.87 20.01 21.71
CA ALA C 87 -24.90 18.97 20.69
C ALA C 87 -25.48 17.66 21.22
N GLY C 88 -25.23 17.36 22.50
CA GLY C 88 -25.74 16.11 23.05
C GLY C 88 -27.26 16.06 23.08
N ASP C 89 -27.89 17.14 23.57
CA ASP C 89 -29.36 17.19 23.59
C ASP C 89 -29.93 17.10 22.19
N TYR C 90 -29.22 17.65 21.20
CA TYR C 90 -29.68 17.59 19.82
C TYR C 90 -29.75 16.15 19.32
N PHE C 91 -28.65 15.40 19.47
CA PHE C 91 -28.65 14.02 19.00
C PHE C 91 -29.62 13.15 19.78
N ALA C 92 -29.83 13.44 21.07
CA ALA C 92 -30.86 12.74 21.82
C ALA C 92 -32.25 13.05 21.28
N ALA C 93 -32.46 14.28 20.80
CA ALA C 93 -33.75 14.62 20.19
C ALA C 93 -33.90 14.00 18.81
N GLN C 94 -32.80 13.57 18.19
CA GLN C 94 -32.86 12.89 16.91
C GLN C 94 -33.03 11.37 17.04
N GLY C 95 -33.12 10.86 18.27
CA GLY C 95 -33.34 9.44 18.50
C GLY C 95 -32.13 8.67 18.98
N GLU C 96 -30.96 9.30 19.04
CA GLU C 96 -29.76 8.61 19.50
C GLU C 96 -29.87 8.32 21.00
N GLN C 97 -29.71 7.06 21.38
CA GLN C 97 -29.69 6.64 22.78
C GLN C 97 -28.25 6.29 23.12
N LEU C 98 -27.55 7.23 23.76
CA LEU C 98 -26.15 7.03 24.05
C LEU C 98 -25.90 7.02 25.55
N PRO C 99 -24.98 6.17 26.02
CA PRO C 99 -24.69 6.10 27.47
C PRO C 99 -24.19 7.44 27.99
N GLU C 100 -24.62 7.79 29.17
CA GLU C 100 -24.23 9.07 29.72
C GLU C 100 -23.16 8.88 30.80
N PRO C 101 -22.23 9.84 30.94
CA PRO C 101 -22.11 11.10 30.18
C PRO C 101 -21.64 10.86 28.74
N ARG C 102 -22.36 11.44 27.79
CA ARG C 102 -22.02 11.29 26.38
C ARG C 102 -20.64 11.83 26.10
N PHE C 103 -19.95 11.20 25.14
CA PHE C 103 -18.65 11.72 24.72
C PHE C 103 -18.77 13.15 24.22
N VAL C 104 -19.83 13.45 23.47
CA VAL C 104 -20.10 14.79 22.98
C VAL C 104 -21.43 15.21 23.58
N ASP C 105 -21.38 16.08 24.59
CA ASP C 105 -22.59 16.60 25.21
C ASP C 105 -22.64 18.08 24.89
N GLU C 106 -22.08 18.96 25.71
CA GLU C 106 -21.99 20.38 25.39
C GLU C 106 -20.61 20.64 24.79
N VAL C 107 -20.59 21.15 23.56
CA VAL C 107 -19.35 21.49 22.87
C VAL C 107 -19.03 22.95 23.17
N VAL C 108 -17.81 23.20 23.67
CA VAL C 108 -17.36 24.53 24.01
C VAL C 108 -16.29 24.93 23.02
N ILE C 109 -16.57 25.97 22.23
CA ILE C 109 -15.63 26.52 21.28
C ILE C 109 -15.13 27.85 21.85
N ALA C 110 -13.90 27.85 22.36
CA ALA C 110 -13.27 29.08 22.83
C ALA C 110 -12.44 29.68 21.70
N PHE C 111 -12.63 30.98 21.46
CA PHE C 111 -11.92 31.67 20.39
C PHE C 111 -11.83 33.15 20.74
N GLY C 112 -10.97 33.86 20.02
CA GLY C 112 -10.78 35.29 20.23
C GLY C 112 -11.04 36.07 18.96
N ILE C 113 -11.58 37.28 19.10
CA ILE C 113 -11.81 38.19 18.00
C ILE C 113 -10.80 39.33 18.11
N ALA C 114 -9.91 39.43 17.13
CA ALA C 114 -8.84 40.41 17.16
C ALA C 114 -9.11 41.64 16.31
N ASP C 115 -10.16 41.63 15.47
CA ASP C 115 -10.42 42.71 14.53
C ASP C 115 -11.93 42.82 14.36
N ALA C 116 -12.52 43.87 14.94
CA ALA C 116 -13.97 44.02 14.97
C ALA C 116 -14.57 44.42 13.63
N SER C 117 -13.76 44.71 12.61
CA SER C 117 -14.29 45.06 11.30
C SER C 117 -14.44 43.86 10.38
N GLN C 118 -13.83 42.73 10.71
CA GLN C 118 -13.92 41.53 9.89
C GLN C 118 -15.01 40.60 10.42
N ASN C 119 -15.64 39.87 9.50
CA ASN C 119 -16.60 38.86 9.89
C ASN C 119 -15.90 37.66 10.51
N TYR C 120 -16.58 36.99 11.42
CA TYR C 120 -16.07 35.77 12.06
C TYR C 120 -17.17 34.72 12.00
N HIS C 121 -16.98 33.74 11.11
CA HIS C 121 -17.92 32.63 10.94
C HIS C 121 -17.30 31.39 11.58
N VAL C 122 -17.88 30.94 12.70
CA VAL C 122 -17.33 29.83 13.47
C VAL C 122 -18.34 28.69 13.49
N PRO C 123 -18.32 27.81 12.49
CA PRO C 123 -19.31 26.72 12.43
C PRO C 123 -18.89 25.55 13.30
N LEU C 124 -19.80 24.58 13.40
CA LEU C 124 -19.56 23.35 14.15
C LEU C 124 -19.96 22.16 13.28
N VAL C 125 -18.98 21.34 12.92
CA VAL C 125 -19.17 20.14 12.12
C VAL C 125 -19.05 18.97 13.10
N VAL C 126 -20.18 18.35 13.45
CA VAL C 126 -20.26 17.52 14.65
C VAL C 126 -20.95 16.20 14.36
N SER C 127 -20.49 15.16 15.03
CA SER C 127 -21.18 13.89 15.21
C SER C 127 -21.15 13.59 16.70
N PRO C 128 -21.87 12.55 17.15
CA PRO C 128 -21.76 12.16 18.56
C PRO C 128 -20.36 11.75 18.99
N TRP C 129 -19.43 11.55 18.05
CA TRP C 129 -18.09 11.07 18.37
C TRP C 129 -16.99 11.94 17.78
N ALA C 130 -17.33 13.07 17.18
CA ALA C 130 -16.32 13.93 16.57
C ALA C 130 -16.89 15.33 16.43
N TYR C 131 -15.99 16.32 16.39
CA TYR C 131 -16.40 17.65 15.99
C TYR C 131 -15.19 18.45 15.55
N SER C 132 -15.44 19.41 14.67
CA SER C 132 -14.41 20.27 14.13
C SER C 132 -14.96 21.67 13.96
N THR C 133 -14.07 22.65 14.03
CA THR C 133 -14.45 24.05 13.82
C THR C 133 -13.33 24.74 13.07
N TYR C 134 -13.63 25.93 12.56
CA TYR C 134 -12.66 26.72 11.83
C TYR C 134 -13.17 28.14 11.73
N ARG C 135 -12.31 29.03 11.26
CA ARG C 135 -12.69 30.39 10.92
C ARG C 135 -12.99 30.42 9.43
N GLY C 136 -14.28 30.36 9.08
CA GLY C 136 -14.70 30.36 7.70
C GLY C 136 -14.99 31.75 7.17
N SER C 137 -15.63 31.79 6.00
CA SER C 137 -16.04 33.06 5.41
C SER C 137 -17.54 33.04 5.17
N MET D 21 -8.31 -2.27 32.36
CA MET D 21 -8.56 -0.95 32.92
C MET D 21 -8.30 0.15 31.88
N GLY D 22 -9.23 1.10 31.80
CA GLY D 22 -9.17 2.10 30.78
C GLY D 22 -8.09 3.14 31.01
N LYS D 23 -7.75 3.86 29.94
CA LYS D 23 -6.75 4.90 30.00
C LYS D 23 -7.15 6.03 29.06
N LEU D 24 -6.79 7.25 29.44
CA LEU D 24 -7.04 8.44 28.63
C LEU D 24 -5.73 8.92 28.03
N SER D 25 -5.73 9.14 26.72
CA SER D 25 -4.53 9.61 26.03
C SER D 25 -4.93 10.64 24.99
N THR D 26 -3.97 11.46 24.60
CA THR D 26 -4.19 12.46 23.55
C THR D 26 -3.06 12.39 22.54
N HIS D 27 -3.15 13.26 21.53
CA HIS D 27 -2.14 13.39 20.48
C HIS D 27 -2.35 14.68 19.71
N VAL D 28 -1.32 15.52 19.60
CA VAL D 28 -1.43 16.82 18.95
C VAL D 28 -0.73 16.75 17.60
N LEU D 29 -1.43 17.19 16.55
CA LEU D 29 -0.90 17.20 15.20
C LEU D 29 -1.00 18.61 14.65
N ASP D 30 0.15 19.16 14.25
CA ASP D 30 0.24 20.49 13.66
C ASP D 30 0.09 20.36 12.16
N ILE D 31 -1.01 20.89 11.60
CA ILE D 31 -1.30 20.73 10.19
C ILE D 31 -0.81 21.91 9.36
N THR D 32 -0.09 22.86 9.98
CA THR D 32 0.62 23.85 9.17
C THR D 32 1.94 23.30 8.64
N LYS D 33 2.44 22.23 9.27
CA LYS D 33 3.72 21.65 8.88
C LYS D 33 3.68 20.13 8.77
N GLY D 34 2.53 19.51 9.05
CA GLY D 34 2.41 18.07 8.93
C GLY D 34 3.27 17.29 9.90
N LYS D 35 3.48 17.82 11.09
CA LYS D 35 4.32 17.23 12.12
C LYS D 35 3.56 17.16 13.43
N PRO D 36 4.02 16.35 14.38
CA PRO D 36 3.43 16.39 15.72
C PRO D 36 3.61 17.76 16.34
N GLY D 37 2.63 18.15 17.17
CA GLY D 37 2.79 19.34 17.99
C GLY D 37 3.63 19.02 19.21
N VAL D 38 4.87 19.51 19.23
CA VAL D 38 5.83 19.21 20.28
C VAL D 38 5.87 20.38 21.25
N GLY D 39 5.85 20.07 22.55
CA GLY D 39 5.91 21.10 23.56
C GLY D 39 4.59 21.76 23.88
N VAL D 40 3.47 21.21 23.43
CA VAL D 40 2.15 21.77 23.71
C VAL D 40 1.77 21.46 25.15
N LYS D 41 1.56 22.50 25.94
CA LYS D 41 1.17 22.31 27.34
C LYS D 41 -0.30 21.94 27.41
N LEU D 42 -0.62 21.03 28.33
CA LEU D 42 -1.96 20.47 28.48
C LEU D 42 -2.43 20.62 29.92
N ALA D 43 -3.75 20.67 30.09
CA ALA D 43 -4.35 20.69 31.42
C ALA D 43 -5.66 19.93 31.37
N LEU D 44 -5.76 18.85 32.15
CA LEU D 44 -6.94 18.01 32.17
C LEU D 44 -7.78 18.32 33.40
N TYR D 45 -9.08 18.52 33.20
CA TYR D 45 -10.00 18.90 34.27
C TYR D 45 -11.16 17.93 34.33
N ALA D 46 -11.56 17.59 35.54
CA ALA D 46 -12.87 16.99 35.77
C ALA D 46 -13.89 18.10 35.99
N VAL D 47 -15.05 17.97 35.36
CA VAL D 47 -16.09 18.99 35.40
C VAL D 47 -17.28 18.42 36.15
N GLY D 48 -17.70 19.10 37.22
CA GLY D 48 -18.82 18.67 38.02
C GLY D 48 -19.84 19.76 38.23
N PRO D 49 -20.80 19.52 39.12
CA PRO D 49 -21.82 20.55 39.39
C PRO D 49 -21.24 21.85 39.93
N VAL D 50 -20.44 21.81 41.01
CA VAL D 50 -19.97 23.04 41.64
C VAL D 50 -18.79 23.67 40.92
N GLY D 51 -18.13 22.94 40.03
CA GLY D 51 -17.03 23.53 39.28
C GLY D 51 -16.07 22.47 38.79
N LYS D 52 -14.90 22.94 38.38
CA LYS D 52 -13.89 22.11 37.75
C LYS D 52 -12.78 21.79 38.75
N THR D 53 -12.11 20.66 38.52
CA THR D 53 -10.99 20.23 39.36
C THR D 53 -9.84 19.84 38.46
N LEU D 54 -8.67 20.45 38.68
CA LEU D 54 -7.49 20.11 37.89
C LEU D 54 -6.98 18.73 38.28
N LEU D 55 -6.90 17.84 37.29
CA LEU D 55 -6.41 16.48 37.50
C LEU D 55 -4.95 16.31 37.12
N LYS D 56 -4.50 16.93 36.02
CA LYS D 56 -3.16 16.70 35.53
C LYS D 56 -2.74 17.83 34.61
N GLN D 57 -1.46 18.19 34.68
CA GLN D 57 -0.80 19.03 33.69
C GLN D 57 0.25 18.19 32.98
N ALA D 58 0.44 18.44 31.70
CA ALA D 58 1.40 17.67 30.92
C ALA D 58 1.83 18.47 29.71
N VAL D 59 2.87 17.98 29.03
CA VAL D 59 3.45 18.59 27.85
C VAL D 59 3.67 17.49 26.81
N THR D 60 3.30 17.76 25.56
CA THR D 60 3.45 16.78 24.50
C THR D 60 4.92 16.54 24.22
N ASN D 61 5.27 15.28 23.98
CA ASN D 61 6.65 14.88 23.72
C ASN D 61 6.98 15.08 22.23
N SER D 62 8.07 14.48 21.76
CA SER D 62 8.51 14.66 20.39
C SER D 62 7.56 14.02 19.37
N ASP D 63 6.68 13.13 19.80
CA ASP D 63 5.68 12.53 18.92
C ASP D 63 4.32 13.19 19.10
N GLY D 64 4.26 14.32 19.79
CA GLY D 64 2.99 14.99 20.03
C GLY D 64 2.08 14.28 21.01
N ARG D 65 2.63 13.34 21.78
CA ARG D 65 1.87 12.56 22.75
C ARG D 65 2.40 12.82 24.16
N CYS D 66 1.86 12.10 25.13
CA CYS D 66 2.31 12.17 26.51
C CYS D 66 3.06 10.90 26.87
N ASP D 67 4.17 11.06 27.61
CA ASP D 67 4.95 9.89 28.02
C ASP D 67 4.14 8.97 28.92
N GLU D 68 3.26 9.52 29.74
CA GLU D 68 2.34 8.74 30.54
C GLU D 68 0.91 9.06 30.16
N PRO D 69 -0.02 8.11 30.29
CA PRO D 69 -1.43 8.42 30.04
C PRO D 69 -1.92 9.52 30.97
N LEU D 70 -2.84 10.34 30.47
CA LEU D 70 -3.41 11.41 31.28
C LEU D 70 -4.16 10.86 32.47
N LEU D 71 -4.98 9.83 32.25
CA LEU D 71 -5.61 9.08 33.33
C LEU D 71 -5.48 7.59 33.01
N ALA D 72 -5.39 6.80 34.06
CA ALA D 72 -5.22 5.36 33.91
C ALA D 72 -5.70 4.66 35.17
N GLY D 73 -6.25 3.47 34.99
CA GLY D 73 -6.68 2.67 36.13
C GLY D 73 -7.83 3.32 36.89
N GLU D 74 -7.73 3.28 38.21
CA GLU D 74 -8.79 3.81 39.06
C GLU D 74 -8.96 5.32 38.91
N ALA D 75 -7.93 6.02 38.45
CA ALA D 75 -8.06 7.46 38.23
C ALA D 75 -8.99 7.80 37.08
N LEU D 76 -9.19 6.87 36.14
CA LEU D 76 -10.15 7.06 35.06
C LEU D 76 -11.55 6.73 35.59
N GLN D 77 -12.38 7.75 35.74
CA GLN D 77 -13.71 7.59 36.30
C GLN D 77 -14.78 8.06 35.32
N VAL D 78 -15.99 7.56 35.54
CA VAL D 78 -17.14 8.02 34.76
C VAL D 78 -17.43 9.47 35.11
N GLY D 79 -17.54 10.31 34.09
CA GLY D 79 -17.84 11.70 34.33
C GLY D 79 -17.47 12.58 33.14
N LYS D 80 -17.61 13.88 33.35
CA LYS D 80 -17.29 14.89 32.34
C LYS D 80 -15.88 15.40 32.55
N TYR D 81 -15.24 15.82 31.46
CA TYR D 81 -13.85 16.24 31.48
C TYR D 81 -13.66 17.42 30.56
N GLU D 82 -12.54 18.11 30.74
CA GLU D 82 -12.11 19.18 29.85
C GLU D 82 -10.61 19.08 29.67
N LEU D 83 -10.16 18.84 28.44
CA LEU D 83 -8.75 18.79 28.10
C LEU D 83 -8.40 20.07 27.34
N VAL D 84 -7.62 20.94 27.97
CA VAL D 84 -7.29 22.24 27.40
C VAL D 84 -5.90 22.17 26.77
N PHE D 85 -5.79 22.66 25.54
CA PHE D 85 -4.54 22.67 24.79
C PHE D 85 -4.08 24.11 24.63
N ALA D 86 -2.89 24.41 25.14
CA ALA D 86 -2.29 25.74 25.00
C ALA D 86 -1.71 25.89 23.59
N ALA D 87 -2.62 25.85 22.61
CA ALA D 87 -2.20 25.80 21.21
C ALA D 87 -1.65 27.16 20.74
N GLY D 88 -2.24 28.26 21.21
CA GLY D 88 -1.76 29.56 20.82
C GLY D 88 -0.33 29.84 21.24
N ASP D 89 0.05 29.39 22.45
CA ASP D 89 1.44 29.49 22.87
C ASP D 89 2.34 28.65 21.98
N TYR D 90 1.86 27.49 21.54
CA TYR D 90 2.66 26.63 20.69
C TYR D 90 2.96 27.32 19.35
N PHE D 91 1.94 27.89 18.71
CA PHE D 91 2.15 28.51 17.41
C PHE D 91 2.97 29.79 17.53
N ALA D 92 2.83 30.52 18.64
CA ALA D 92 3.69 31.67 18.87
C ALA D 92 5.14 31.24 19.06
N ALA D 93 5.36 30.10 19.71
CA ALA D 93 6.72 29.62 19.91
C ALA D 93 7.34 29.11 18.62
N GLN D 94 6.53 28.76 17.62
CA GLN D 94 7.04 28.28 16.34
C GLN D 94 7.31 29.40 15.37
N GLY D 95 7.23 30.66 15.82
CA GLY D 95 7.51 31.80 14.97
C GLY D 95 6.29 32.45 14.36
N GLU D 96 5.13 31.80 14.42
CA GLU D 96 3.88 32.37 13.89
C GLU D 96 3.48 33.56 14.73
N GLN D 97 3.73 34.77 14.22
CA GLN D 97 3.29 35.99 14.90
C GLN D 97 1.87 36.32 14.45
N LEU D 98 0.94 36.36 15.40
CA LEU D 98 -0.46 36.64 15.10
C LEU D 98 -0.98 37.72 16.03
N PRO D 99 -1.81 38.63 15.51
CA PRO D 99 -2.39 39.67 16.38
C PRO D 99 -3.28 39.06 17.45
N GLU D 100 -3.38 39.76 18.56
CA GLU D 100 -4.05 39.40 19.80
C GLU D 100 -5.42 40.07 19.90
N PRO D 101 -6.45 39.37 20.39
CA PRO D 101 -6.47 37.96 20.84
C PRO D 101 -6.52 36.95 19.71
N ARG D 102 -5.72 35.90 19.81
CA ARG D 102 -5.64 34.89 18.76
C ARG D 102 -6.96 34.14 18.61
N PHE D 103 -7.28 33.76 17.37
CA PHE D 103 -8.49 32.99 17.12
C PHE D 103 -8.40 31.62 17.79
N VAL D 104 -7.25 30.97 17.69
CA VAL D 104 -6.96 29.73 18.40
C VAL D 104 -5.92 30.05 19.47
N ASP D 105 -6.34 30.04 20.74
CA ASP D 105 -5.40 30.25 21.83
C ASP D 105 -5.37 29.03 22.74
N GLU D 106 -6.23 29.00 23.75
CA GLU D 106 -6.41 27.81 24.58
C GLU D 106 -7.63 27.06 24.05
N VAL D 107 -7.37 25.87 23.50
CA VAL D 107 -8.41 25.04 22.92
C VAL D 107 -9.02 24.18 24.02
N VAL D 108 -10.32 24.33 24.23
CA VAL D 108 -11.05 23.59 25.26
C VAL D 108 -11.77 22.43 24.59
N ILE D 109 -11.42 21.20 24.97
CA ILE D 109 -12.10 20.01 24.46
C ILE D 109 -12.86 19.39 25.62
N ALA D 110 -14.16 19.69 25.69
CA ALA D 110 -15.04 19.10 26.69
C ALA D 110 -15.61 17.80 26.16
N PHE D 111 -15.55 16.74 26.98
CA PHE D 111 -16.05 15.43 26.56
C PHE D 111 -16.45 14.63 27.79
N GLY D 112 -17.21 13.57 27.55
CA GLY D 112 -17.66 12.69 28.61
C GLY D 112 -17.13 11.29 28.45
N ILE D 113 -16.93 10.62 29.59
CA ILE D 113 -16.47 9.24 29.63
C ILE D 113 -17.57 8.42 30.29
N ALA D 114 -18.20 7.54 29.51
CA ALA D 114 -19.32 6.74 30.01
C ALA D 114 -18.91 5.36 30.47
N ASP D 115 -17.71 4.90 30.11
CA ASP D 115 -17.27 3.54 30.42
C ASP D 115 -15.81 3.60 30.85
N ALA D 116 -15.57 3.48 32.16
CA ALA D 116 -14.22 3.60 32.69
C ALA D 116 -13.31 2.45 32.27
N SER D 117 -13.88 1.35 31.77
CA SER D 117 -13.09 0.21 31.36
C SER D 117 -12.56 0.32 29.94
N GLN D 118 -12.89 1.39 29.22
CA GLN D 118 -12.47 1.56 27.84
C GLN D 118 -11.34 2.57 27.74
N ASN D 119 -10.56 2.45 26.68
CA ASN D 119 -9.55 3.44 26.35
C ASN D 119 -10.18 4.59 25.58
N TYR D 120 -9.91 5.82 26.00
CA TYR D 120 -10.36 7.01 25.28
C TYR D 120 -9.14 7.77 24.78
N HIS D 121 -9.04 7.89 23.47
CA HIS D 121 -7.98 8.64 22.81
C HIS D 121 -8.61 9.88 22.18
N VAL D 122 -8.30 11.05 22.73
CA VAL D 122 -8.90 12.29 22.26
C VAL D 122 -7.80 13.17 21.67
N PRO D 123 -7.46 13.01 20.40
CA PRO D 123 -6.38 13.81 19.80
C PRO D 123 -6.90 15.19 19.39
N LEU D 124 -5.97 16.03 18.93
CA LEU D 124 -6.27 17.35 18.43
C LEU D 124 -5.52 17.55 17.12
N VAL D 125 -6.25 17.97 16.09
CA VAL D 125 -5.71 18.23 14.77
C VAL D 125 -5.92 19.72 14.52
N VAL D 126 -4.86 20.51 14.64
CA VAL D 126 -5.01 21.93 14.91
C VAL D 126 -4.13 22.75 13.97
N SER D 127 -4.66 23.90 13.55
CA SER D 127 -3.93 25.00 12.95
C SER D 127 -4.29 26.24 13.74
N PRO D 128 -3.66 27.38 13.46
CA PRO D 128 -4.08 28.63 14.12
C PRO D 128 -5.50 29.06 13.78
N TRP D 129 -6.14 28.45 12.78
CA TRP D 129 -7.44 28.90 12.31
C TRP D 129 -8.47 27.78 12.26
N ALA D 130 -8.16 26.61 12.80
CA ALA D 130 -9.06 25.47 12.75
C ALA D 130 -8.53 24.40 13.68
N TYR D 131 -9.45 23.62 14.25
CA TYR D 131 -9.06 22.41 14.96
C TYR D 131 -10.19 21.39 14.84
N SER D 132 -9.80 20.12 14.93
CA SER D 132 -10.76 19.02 14.94
C SER D 132 -10.37 18.04 16.03
N THR D 133 -11.37 17.34 16.55
CA THR D 133 -11.13 16.31 17.55
C THR D 133 -12.14 15.20 17.33
N TYR D 134 -11.85 14.04 17.91
CA TYR D 134 -12.69 12.86 17.72
C TYR D 134 -12.28 11.83 18.75
N ARG D 135 -13.15 10.83 18.94
CA ARG D 135 -12.82 9.69 19.77
C ARG D 135 -12.02 8.70 18.92
N GLY D 136 -10.73 8.61 19.18
CA GLY D 136 -9.87 7.63 18.52
C GLY D 136 -9.81 6.32 19.30
N GLY E 18 16.25 -20.60 -0.43
CA GLY E 18 15.47 -20.91 -1.62
C GLY E 18 16.34 -21.18 -2.83
N SER E 19 15.72 -21.72 -3.89
CA SER E 19 16.48 -22.08 -5.08
C SER E 19 16.95 -20.85 -5.84
N HIS E 20 18.06 -21.01 -6.57
CA HIS E 20 18.62 -19.95 -7.40
C HIS E 20 18.36 -20.16 -8.88
N MET E 21 17.69 -21.25 -9.26
CA MET E 21 17.74 -21.74 -10.64
C MET E 21 16.50 -21.47 -11.47
N GLY E 22 15.43 -20.93 -10.87
CA GLY E 22 14.18 -20.76 -11.56
C GLY E 22 13.99 -19.35 -12.11
N LYS E 23 13.11 -19.25 -13.11
CA LYS E 23 12.81 -17.96 -13.72
C LYS E 23 11.39 -18.01 -14.28
N LEU E 24 10.60 -16.99 -13.94
CA LEU E 24 9.31 -16.77 -14.57
C LEU E 24 9.48 -15.74 -15.68
N SER E 25 8.86 -16.00 -16.83
CA SER E 25 8.98 -15.10 -17.97
C SER E 25 7.66 -15.12 -18.74
N THR E 26 7.55 -14.21 -19.70
CA THR E 26 6.34 -14.10 -20.49
C THR E 26 6.69 -13.60 -21.89
N HIS E 27 5.67 -13.54 -22.75
CA HIS E 27 5.86 -13.22 -24.16
C HIS E 27 4.49 -12.85 -24.74
N VAL E 28 4.31 -11.59 -25.11
CA VAL E 28 3.03 -11.12 -25.63
C VAL E 28 3.05 -11.20 -27.14
N LEU E 29 2.02 -11.83 -27.71
CA LEU E 29 1.89 -11.95 -29.16
C LEU E 29 0.56 -11.31 -29.59
N ASP E 30 0.65 -10.38 -30.52
CA ASP E 30 -0.50 -9.62 -31.01
C ASP E 30 -0.96 -10.31 -32.31
N ILE E 31 -2.13 -10.96 -32.26
CA ILE E 31 -2.56 -11.81 -33.37
C ILE E 31 -3.48 -11.11 -34.36
N THR E 32 -3.75 -9.82 -34.15
CA THR E 32 -4.40 -9.03 -35.18
C THR E 32 -3.44 -8.58 -36.28
N LYS E 33 -2.15 -8.72 -36.03
CA LYS E 33 -1.10 -8.29 -36.95
C LYS E 33 0.06 -9.26 -37.02
N GLY E 34 0.06 -10.33 -36.24
CA GLY E 34 1.09 -11.34 -36.33
C GLY E 34 2.48 -10.89 -35.94
N LYS E 35 2.58 -10.00 -34.97
CA LYS E 35 3.84 -9.44 -34.49
C LYS E 35 3.85 -9.51 -32.97
N PRO E 36 5.03 -9.39 -32.35
CA PRO E 36 5.07 -9.33 -30.89
C PRO E 36 4.36 -8.10 -30.37
N GLY E 37 3.85 -8.20 -29.15
CA GLY E 37 3.27 -7.04 -28.49
C GLY E 37 4.34 -6.16 -27.88
N VAL E 38 4.62 -5.02 -28.52
CA VAL E 38 5.68 -4.11 -28.10
C VAL E 38 5.06 -2.94 -27.35
N GLY E 39 5.66 -2.58 -26.21
CA GLY E 39 5.17 -1.47 -25.42
C GLY E 39 3.99 -1.81 -24.53
N VAL E 40 3.76 -3.10 -24.25
CA VAL E 40 2.68 -3.52 -23.38
C VAL E 40 3.13 -3.43 -21.93
N LYS E 41 2.38 -2.70 -21.11
CA LYS E 41 2.67 -2.61 -19.69
C LYS E 41 2.13 -3.85 -18.99
N LEU E 42 2.95 -4.42 -18.10
CA LEU E 42 2.53 -5.59 -17.36
C LEU E 42 2.98 -5.45 -15.91
N ALA E 43 2.31 -6.17 -15.02
CA ALA E 43 2.62 -6.13 -13.60
C ALA E 43 2.43 -7.51 -13.00
N LEU E 44 3.33 -7.87 -12.09
CA LEU E 44 3.31 -9.18 -11.44
C LEU E 44 2.89 -9.00 -9.98
N TYR E 45 1.93 -9.79 -9.53
CA TYR E 45 1.40 -9.71 -8.19
C TYR E 45 1.51 -11.05 -7.49
N ALA E 46 1.82 -11.01 -6.19
CA ALA E 46 1.67 -12.17 -5.33
C ALA E 46 0.27 -12.17 -4.75
N VAL E 47 -0.43 -13.29 -4.88
CA VAL E 47 -1.79 -13.43 -4.38
C VAL E 47 -1.74 -14.24 -3.09
N GLY E 48 -2.21 -13.64 -2.01
CA GLY E 48 -2.19 -14.29 -0.72
C GLY E 48 -3.55 -14.28 -0.05
N PRO E 49 -3.58 -14.60 1.24
CA PRO E 49 -4.87 -14.65 1.94
C PRO E 49 -5.52 -13.29 2.09
N VAL E 50 -4.72 -12.24 2.37
CA VAL E 50 -5.27 -10.93 2.72
C VAL E 50 -5.36 -9.98 1.53
N GLY E 51 -4.82 -10.35 0.38
CA GLY E 51 -4.93 -9.46 -0.78
C GLY E 51 -3.86 -9.80 -1.82
N LYS E 52 -3.45 -8.76 -2.54
CA LYS E 52 -2.46 -8.86 -3.60
C LYS E 52 -1.39 -7.81 -3.38
N THR E 53 -0.14 -8.16 -3.70
CA THR E 53 1.01 -7.30 -3.53
C THR E 53 1.82 -7.26 -4.82
N LEU E 54 2.04 -6.06 -5.35
CA LEU E 54 2.80 -5.91 -6.59
C LEU E 54 4.25 -6.30 -6.36
N LEU E 55 4.78 -7.16 -7.24
CA LEU E 55 6.16 -7.62 -7.17
C LEU E 55 7.08 -6.92 -8.16
N LYS E 56 6.59 -6.66 -9.37
CA LYS E 56 7.40 -6.00 -10.38
C LYS E 56 6.50 -5.47 -11.48
N GLN E 57 6.96 -4.39 -12.12
CA GLN E 57 6.38 -3.86 -13.34
C GLN E 57 7.39 -4.02 -14.46
N ALA E 58 6.89 -4.02 -15.69
CA ALA E 58 7.77 -4.11 -16.85
C ALA E 58 7.00 -3.63 -18.07
N VAL E 59 7.75 -3.44 -19.15
CA VAL E 59 7.22 -3.05 -20.45
C VAL E 59 7.86 -3.93 -21.50
N THR E 60 7.03 -4.60 -22.31
CA THR E 60 7.55 -5.54 -23.30
C THR E 60 8.42 -4.82 -24.33
N ASN E 61 9.54 -5.45 -24.67
CA ASN E 61 10.49 -4.88 -25.61
C ASN E 61 10.02 -5.16 -27.04
N SER E 62 10.91 -4.90 -28.02
CA SER E 62 10.56 -5.04 -29.42
C SER E 62 10.27 -6.49 -29.81
N ASP E 63 10.68 -7.46 -29.00
CA ASP E 63 10.39 -8.86 -29.23
C ASP E 63 9.19 -9.34 -28.42
N GLY E 64 8.50 -8.43 -27.72
CA GLY E 64 7.36 -8.81 -26.92
C GLY E 64 7.70 -9.52 -25.63
N ARG E 65 8.94 -9.36 -25.16
CA ARG E 65 9.43 -10.00 -23.95
C ARG E 65 9.93 -8.92 -22.97
N CYS E 66 10.48 -9.35 -21.85
CA CYS E 66 11.05 -8.45 -20.86
C CYS E 66 12.57 -8.47 -20.94
N ASP E 67 13.17 -7.28 -20.83
CA ASP E 67 14.63 -7.19 -20.85
C ASP E 67 15.26 -7.86 -19.63
N GLU E 68 14.56 -7.90 -18.51
CA GLU E 68 14.98 -8.60 -17.32
C GLU E 68 13.86 -9.52 -16.85
N PRO E 69 14.19 -10.65 -16.23
CA PRO E 69 13.15 -11.54 -15.73
C PRO E 69 12.27 -10.82 -14.71
N LEU E 70 10.97 -11.15 -14.74
CA LEU E 70 10.06 -10.59 -13.74
C LEU E 70 10.36 -11.14 -12.34
N LEU E 71 10.66 -12.44 -12.26
CA LEU E 71 11.07 -13.10 -11.03
C LEU E 71 12.07 -14.19 -11.36
N ALA E 72 13.06 -14.35 -10.49
CA ALA E 72 14.10 -15.36 -10.72
C ALA E 72 14.79 -15.65 -9.39
N GLY E 73 15.28 -16.88 -9.28
CA GLY E 73 16.14 -17.24 -8.17
C GLY E 73 15.40 -17.25 -6.84
N GLU E 74 16.07 -16.76 -5.81
CA GLU E 74 15.51 -16.78 -4.46
C GLU E 74 14.26 -15.92 -4.34
N ALA E 75 14.05 -14.97 -5.26
CA ALA E 75 12.82 -14.20 -5.27
C ALA E 75 11.66 -14.95 -5.92
N LEU E 76 11.95 -15.97 -6.72
CA LEU E 76 10.90 -16.83 -7.25
C LEU E 76 10.56 -17.89 -6.20
N GLN E 77 9.33 -17.86 -5.70
CA GLN E 77 8.91 -18.72 -4.60
C GLN E 77 7.59 -19.38 -4.91
N VAL E 78 7.36 -20.54 -4.27
CA VAL E 78 6.11 -21.26 -4.42
C VAL E 78 4.96 -20.40 -3.92
N GLY E 79 3.92 -20.27 -4.73
CA GLY E 79 2.77 -19.48 -4.34
C GLY E 79 1.89 -19.17 -5.54
N LYS E 80 0.86 -18.36 -5.27
CA LYS E 80 -0.09 -17.95 -6.29
C LYS E 80 0.28 -16.57 -6.81
N TYR E 81 0.17 -16.41 -8.13
CA TYR E 81 0.61 -15.19 -8.78
C TYR E 81 -0.46 -14.71 -9.74
N GLU E 82 -0.36 -13.44 -10.12
CA GLU E 82 -1.23 -12.87 -11.15
C GLU E 82 -0.38 -11.99 -12.06
N LEU E 83 -0.30 -12.37 -13.34
CA LEU E 83 0.33 -11.53 -14.36
C LEU E 83 -0.77 -10.69 -15.01
N VAL E 84 -0.70 -9.38 -14.85
CA VAL E 84 -1.71 -8.46 -15.37
C VAL E 84 -1.13 -7.75 -16.58
N PHE E 85 -1.77 -7.93 -17.73
CA PHE E 85 -1.35 -7.30 -18.99
C PHE E 85 -2.29 -6.14 -19.31
N ALA E 86 -1.72 -4.96 -19.53
CA ALA E 86 -2.50 -3.78 -19.93
C ALA E 86 -2.76 -3.86 -21.44
N ALA E 87 -3.53 -4.88 -21.82
CA ALA E 87 -3.75 -5.15 -23.24
C ALA E 87 -4.59 -4.06 -23.89
N GLY E 88 -5.61 -3.56 -23.18
CA GLY E 88 -6.46 -2.53 -23.75
C GLY E 88 -5.71 -1.26 -24.07
N ASP E 89 -4.81 -0.86 -23.18
CA ASP E 89 -3.98 0.32 -23.46
C ASP E 89 -3.09 0.09 -24.66
N TYR E 90 -2.61 -1.16 -24.83
CA TYR E 90 -1.76 -1.47 -25.98
C TYR E 90 -2.51 -1.28 -27.29
N PHE E 91 -3.71 -1.86 -27.39
CA PHE E 91 -4.45 -1.78 -28.65
C PHE E 91 -4.93 -0.36 -28.93
N ALA E 92 -5.25 0.41 -27.89
CA ALA E 92 -5.59 1.81 -28.11
C ALA E 92 -4.39 2.57 -28.67
N ALA E 93 -3.18 2.24 -28.21
CA ALA E 93 -1.99 2.90 -28.74
C ALA E 93 -1.71 2.49 -30.18
N GLN E 94 -2.18 1.30 -30.59
CA GLN E 94 -1.99 0.85 -31.96
C GLN E 94 -3.04 1.38 -32.92
N GLY E 95 -3.88 2.33 -32.48
CA GLY E 95 -4.86 2.95 -33.35
C GLY E 95 -6.26 2.35 -33.25
N GLU E 96 -6.43 1.27 -32.51
CA GLU E 96 -7.75 0.66 -32.37
C GLU E 96 -8.65 1.55 -31.51
N GLN E 97 -9.88 1.75 -31.97
CA GLN E 97 -10.85 2.63 -31.31
C GLN E 97 -12.03 1.80 -30.85
N LEU E 98 -12.03 1.40 -29.58
CA LEU E 98 -13.02 0.50 -29.04
C LEU E 98 -13.84 1.18 -27.95
N PRO E 99 -15.16 1.06 -27.98
CA PRO E 99 -15.99 1.71 -26.94
C PRO E 99 -15.74 1.11 -25.56
N GLU E 100 -15.34 1.97 -24.62
CA GLU E 100 -15.07 1.52 -23.27
C GLU E 100 -16.39 1.29 -22.52
N PRO E 101 -16.44 0.31 -21.61
CA PRO E 101 -15.37 -0.60 -21.17
C PRO E 101 -15.00 -1.62 -22.24
N ARG E 102 -13.72 -1.63 -22.62
CA ARG E 102 -13.24 -2.55 -23.65
C ARG E 102 -13.43 -4.00 -23.17
N PHE E 103 -13.78 -4.88 -24.11
CA PHE E 103 -13.93 -6.28 -23.73
C PHE E 103 -12.62 -6.86 -23.25
N VAL E 104 -11.50 -6.46 -23.85
CA VAL E 104 -10.18 -6.86 -23.42
C VAL E 104 -9.45 -5.59 -23.00
N ASP E 105 -9.32 -5.37 -21.68
CA ASP E 105 -8.60 -4.22 -21.15
C ASP E 105 -7.39 -4.77 -20.39
N GLU E 106 -7.48 -4.97 -19.09
CA GLU E 106 -6.39 -5.55 -18.31
C GLU E 106 -6.60 -7.05 -18.20
N VAL E 107 -5.80 -7.81 -18.95
CA VAL E 107 -5.87 -9.27 -18.90
C VAL E 107 -5.19 -9.76 -17.62
N VAL E 108 -5.92 -10.55 -16.84
CA VAL E 108 -5.41 -11.15 -15.61
C VAL E 108 -5.16 -12.64 -15.88
N ILE E 109 -3.91 -13.06 -15.73
CA ILE E 109 -3.55 -14.47 -15.81
C ILE E 109 -3.13 -14.90 -14.41
N ALA E 110 -4.03 -15.58 -13.70
CA ALA E 110 -3.72 -16.11 -12.38
C ALA E 110 -3.18 -17.54 -12.53
N PHE E 111 -2.08 -17.83 -11.84
CA PHE E 111 -1.45 -19.14 -11.94
C PHE E 111 -0.69 -19.42 -10.65
N GLY E 112 -0.39 -20.69 -10.44
CA GLY E 112 0.40 -21.12 -9.30
C GLY E 112 1.76 -21.61 -9.74
N ILE E 113 2.73 -21.50 -8.83
CA ILE E 113 4.08 -22.02 -9.03
C ILE E 113 4.31 -23.07 -7.96
N ALA E 114 4.47 -24.33 -8.38
CA ALA E 114 4.63 -25.44 -7.45
C ALA E 114 6.08 -25.81 -7.17
N ASP E 115 7.00 -25.37 -8.03
CA ASP E 115 8.42 -25.75 -7.92
C ASP E 115 9.25 -24.53 -8.26
N ALA E 116 9.78 -23.87 -7.23
CA ALA E 116 10.55 -22.64 -7.41
C ALA E 116 11.86 -22.84 -8.17
N SER E 117 12.30 -24.09 -8.35
CA SER E 117 13.54 -24.36 -9.04
C SER E 117 13.38 -24.49 -10.55
N GLN E 118 12.15 -24.54 -11.06
CA GLN E 118 11.89 -24.72 -12.48
C GLN E 118 11.57 -23.40 -13.16
N ASN E 119 11.67 -23.39 -14.49
CA ASN E 119 11.28 -22.24 -15.27
C ASN E 119 9.80 -22.30 -15.61
N TYR E 120 9.12 -21.18 -15.45
CA TYR E 120 7.72 -21.03 -15.84
C TYR E 120 7.62 -19.92 -16.87
N HIS E 121 7.29 -20.28 -18.11
CA HIS E 121 7.10 -19.33 -19.20
C HIS E 121 5.60 -19.23 -19.48
N VAL E 122 5.04 -18.05 -19.22
CA VAL E 122 3.59 -17.84 -19.32
C VAL E 122 3.31 -16.75 -20.35
N PRO E 123 3.18 -17.09 -21.62
CA PRO E 123 2.98 -16.06 -22.65
C PRO E 123 1.50 -15.73 -22.85
N LEU E 124 1.27 -14.57 -23.46
CA LEU E 124 -0.06 -14.08 -23.75
C LEU E 124 -0.21 -13.96 -25.27
N VAL E 125 -1.18 -14.67 -25.82
CA VAL E 125 -1.55 -14.59 -27.24
C VAL E 125 -2.92 -13.94 -27.28
N VAL E 126 -3.00 -12.70 -27.78
CA VAL E 126 -4.11 -11.83 -27.47
C VAL E 126 -4.57 -11.03 -28.70
N SER E 127 -5.87 -10.85 -28.82
CA SER E 127 -6.52 -9.86 -29.65
C SER E 127 -7.47 -9.05 -28.76
N PRO E 128 -8.00 -7.92 -29.27
CA PRO E 128 -8.97 -7.16 -28.46
C PRO E 128 -10.26 -7.90 -28.15
N TRP E 129 -10.41 -9.12 -28.68
CA TRP E 129 -11.60 -9.90 -28.45
C TRP E 129 -11.33 -11.34 -28.04
N ALA E 130 -10.08 -11.73 -27.86
CA ALA E 130 -9.72 -13.08 -27.47
C ALA E 130 -8.32 -13.08 -26.90
N TYR E 131 -8.06 -13.98 -25.96
CA TYR E 131 -6.69 -14.21 -25.51
C TYR E 131 -6.55 -15.65 -25.03
N SER E 132 -5.30 -16.10 -24.98
CA SER E 132 -5.00 -17.45 -24.55
C SER E 132 -3.66 -17.45 -23.84
N THR E 133 -3.47 -18.42 -22.96
CA THR E 133 -2.21 -18.60 -22.26
C THR E 133 -1.97 -20.08 -22.04
N TYR E 134 -0.74 -20.41 -21.70
CA TYR E 134 -0.35 -21.80 -21.48
C TYR E 134 1.00 -21.78 -20.76
N ARG E 135 1.36 -22.93 -20.20
CA ARG E 135 2.71 -23.10 -19.68
C ARG E 135 3.66 -23.44 -20.81
N GLY E 136 4.61 -22.56 -21.08
CA GLY E 136 5.65 -22.85 -22.04
C GLY E 136 6.85 -23.53 -21.37
N SER E 137 7.84 -23.86 -22.18
CA SER E 137 9.04 -24.49 -21.64
C SER E 137 10.13 -23.46 -21.39
N MET F 21 37.91 -6.55 -25.55
CA MET F 21 36.67 -6.71 -24.80
C MET F 21 36.70 -7.98 -23.97
N GLY F 22 36.38 -7.85 -22.67
CA GLY F 22 36.47 -8.97 -21.76
C GLY F 22 35.35 -9.99 -21.88
N LYS F 23 35.60 -11.19 -21.36
CA LYS F 23 34.65 -12.29 -21.38
C LYS F 23 34.66 -12.98 -20.03
N LEU F 24 33.48 -13.46 -19.62
CA LEU F 24 33.33 -14.28 -18.43
C LEU F 24 33.05 -15.72 -18.84
N SER F 25 33.81 -16.66 -18.28
CA SER F 25 33.67 -18.06 -18.62
C SER F 25 33.89 -18.92 -17.40
N THR F 26 33.43 -20.17 -17.48
CA THR F 26 33.54 -21.11 -16.37
C THR F 26 33.89 -22.49 -16.91
N HIS F 27 34.09 -23.42 -15.98
CA HIS F 27 34.45 -24.80 -16.31
C HIS F 27 34.17 -25.66 -15.08
N VAL F 28 33.39 -26.71 -15.26
CA VAL F 28 33.06 -27.62 -14.18
C VAL F 28 33.85 -28.90 -14.35
N LEU F 29 34.48 -29.36 -13.28
CA LEU F 29 35.26 -30.59 -13.29
C LEU F 29 34.76 -31.51 -12.17
N ASP F 30 34.35 -32.72 -12.55
CA ASP F 30 33.88 -33.73 -11.60
C ASP F 30 35.10 -34.53 -11.12
N ILE F 31 35.52 -34.28 -9.87
CA ILE F 31 36.68 -34.98 -9.32
C ILE F 31 36.33 -36.32 -8.72
N THR F 32 35.05 -36.71 -8.70
CA THR F 32 34.72 -38.09 -8.35
C THR F 32 35.01 -39.03 -9.50
N LYS F 33 35.20 -38.52 -10.71
CA LYS F 33 35.48 -39.35 -11.87
C LYS F 33 36.54 -38.77 -12.80
N GLY F 34 37.10 -37.61 -12.50
CA GLY F 34 38.15 -37.05 -13.34
C GLY F 34 37.67 -36.69 -14.73
N LYS F 35 36.47 -36.12 -14.84
CA LYS F 35 35.83 -35.82 -16.11
C LYS F 35 35.15 -34.46 -16.01
N PRO F 36 34.89 -33.83 -17.16
CA PRO F 36 34.13 -32.58 -17.13
C PRO F 36 32.74 -32.80 -16.55
N GLY F 37 32.23 -31.78 -15.87
CA GLY F 37 30.85 -31.80 -15.40
C GLY F 37 29.91 -31.46 -16.53
N VAL F 38 29.25 -32.47 -17.09
CA VAL F 38 28.38 -32.31 -18.26
C VAL F 38 26.94 -32.23 -17.79
N GLY F 39 26.19 -31.26 -18.32
CA GLY F 39 24.80 -31.09 -17.98
C GLY F 39 24.53 -30.32 -16.71
N VAL F 40 25.53 -29.62 -16.18
CA VAL F 40 25.37 -28.86 -14.94
C VAL F 40 24.65 -27.56 -15.24
N LYS F 41 23.49 -27.36 -14.62
CA LYS F 41 22.72 -26.14 -14.84
C LYS F 41 23.34 -24.97 -14.08
N LEU F 42 23.38 -23.82 -14.76
CA LEU F 42 24.01 -22.61 -14.26
C LEU F 42 23.00 -21.46 -14.19
N ALA F 43 23.30 -20.49 -13.34
CA ALA F 43 22.53 -19.26 -13.26
C ALA F 43 23.45 -18.14 -12.77
N LEU F 44 23.61 -17.10 -13.58
CA LEU F 44 24.50 -15.98 -13.28
C LEU F 44 23.69 -14.77 -12.87
N TYR F 45 24.14 -14.10 -11.81
CA TYR F 45 23.41 -12.96 -11.25
C TYR F 45 24.32 -11.76 -11.10
N ALA F 46 23.76 -10.59 -11.40
CA ALA F 46 24.32 -9.33 -10.94
C ALA F 46 23.84 -9.07 -9.52
N VAL F 47 24.76 -8.65 -8.65
CA VAL F 47 24.46 -8.39 -7.25
C VAL F 47 24.71 -6.92 -6.98
N GLY F 48 23.67 -6.19 -6.59
CA GLY F 48 23.78 -4.79 -6.28
C GLY F 48 23.16 -4.46 -4.93
N PRO F 49 22.89 -3.18 -4.70
CA PRO F 49 22.33 -2.78 -3.39
C PRO F 49 20.89 -3.23 -3.16
N VAL F 50 20.05 -3.25 -4.20
CA VAL F 50 18.63 -3.55 -4.03
C VAL F 50 18.32 -5.02 -4.28
N GLY F 51 19.33 -5.85 -4.50
CA GLY F 51 19.10 -7.28 -4.63
C GLY F 51 19.85 -7.84 -5.82
N LYS F 52 19.35 -8.97 -6.31
CA LYS F 52 20.00 -9.73 -7.36
C LYS F 52 19.16 -9.70 -8.63
N THR F 53 19.84 -9.69 -9.77
CA THR F 53 19.19 -9.70 -11.08
C THR F 53 19.77 -10.86 -11.88
N LEU F 54 18.88 -11.73 -12.38
CA LEU F 54 19.33 -12.83 -13.21
C LEU F 54 19.82 -12.31 -14.55
N LEU F 55 21.03 -12.72 -14.93
CA LEU F 55 21.62 -12.29 -16.19
C LEU F 55 21.60 -13.38 -17.26
N LYS F 56 21.75 -14.64 -16.87
CA LYS F 56 21.83 -15.71 -17.85
C LYS F 56 21.68 -17.06 -17.16
N GLN F 57 21.01 -17.98 -17.85
CA GLN F 57 20.98 -19.38 -17.46
C GLN F 57 21.68 -20.19 -18.55
N ALA F 58 22.46 -21.19 -18.13
CA ALA F 58 23.22 -21.98 -19.08
C ALA F 58 23.36 -23.40 -18.53
N VAL F 59 23.90 -24.28 -19.37
CA VAL F 59 24.17 -25.66 -19.02
C VAL F 59 25.54 -26.02 -19.60
N THR F 60 26.35 -26.72 -18.82
CA THR F 60 27.68 -27.09 -19.29
C THR F 60 27.58 -28.14 -20.40
N ASN F 61 28.48 -28.02 -21.38
CA ASN F 61 28.48 -28.89 -22.55
C ASN F 61 29.28 -30.16 -22.24
N SER F 62 29.71 -30.87 -23.30
CA SER F 62 30.44 -32.11 -23.13
C SER F 62 31.84 -31.89 -22.59
N ASP F 63 32.36 -30.66 -22.62
CA ASP F 63 33.64 -30.33 -22.02
C ASP F 63 33.49 -29.59 -20.70
N GLY F 64 32.30 -29.63 -20.10
CA GLY F 64 32.07 -28.94 -18.84
C GLY F 64 32.10 -27.43 -18.92
N ARG F 65 32.06 -26.86 -20.11
CA ARG F 65 32.07 -25.42 -20.32
C ARG F 65 30.75 -24.99 -20.95
N CYS F 66 30.67 -23.73 -21.36
CA CYS F 66 29.50 -23.19 -22.02
C CYS F 66 29.81 -22.93 -23.49
N ASP F 67 28.83 -23.22 -24.36
CA ASP F 67 29.03 -23.00 -25.79
C ASP F 67 29.25 -21.54 -26.12
N GLU F 68 28.69 -20.64 -25.30
CA GLU F 68 28.86 -19.21 -25.43
C GLU F 68 29.35 -18.65 -24.10
N PRO F 69 30.13 -17.57 -24.12
CA PRO F 69 30.56 -16.96 -22.85
C PRO F 69 29.36 -16.51 -22.03
N LEU F 70 29.53 -16.55 -20.70
CA LEU F 70 28.47 -16.08 -19.82
C LEU F 70 28.22 -14.59 -20.03
N LEU F 71 29.28 -13.80 -20.16
CA LEU F 71 29.19 -12.38 -20.46
C LEU F 71 30.31 -12.00 -21.40
N ALA F 72 30.04 -11.05 -22.28
CA ALA F 72 31.02 -10.64 -23.28
C ALA F 72 30.72 -9.23 -23.73
N GLY F 73 31.74 -8.57 -24.26
CA GLY F 73 31.56 -7.26 -24.85
C GLY F 73 31.02 -6.25 -23.86
N GLU F 74 29.99 -5.51 -24.28
CA GLU F 74 29.38 -4.48 -23.46
C GLU F 74 28.49 -5.04 -22.36
N ALA F 75 28.26 -6.35 -22.32
CA ALA F 75 27.49 -6.95 -21.25
C ALA F 75 28.33 -7.18 -19.99
N LEU F 76 29.65 -7.27 -20.14
CA LEU F 76 30.51 -7.50 -18.98
C LEU F 76 30.82 -6.15 -18.35
N GLN F 77 30.29 -5.92 -17.16
CA GLN F 77 30.42 -4.65 -16.47
C GLN F 77 31.06 -4.85 -15.10
N VAL F 78 31.78 -3.81 -14.66
CA VAL F 78 32.41 -3.84 -13.34
C VAL F 78 31.33 -3.93 -12.28
N GLY F 79 31.49 -4.88 -11.35
CA GLY F 79 30.54 -5.02 -10.27
C GLY F 79 30.66 -6.38 -9.61
N LYS F 80 29.69 -6.68 -8.76
CA LYS F 80 29.61 -7.94 -8.03
C LYS F 80 28.68 -8.90 -8.74
N TYR F 81 29.03 -10.18 -8.68
CA TYR F 81 28.32 -11.23 -9.41
C TYR F 81 28.17 -12.45 -8.51
N GLU F 82 27.26 -13.35 -8.91
CA GLU F 82 27.13 -14.65 -8.27
C GLU F 82 26.85 -15.69 -9.35
N LEU F 83 27.74 -16.69 -9.44
CA LEU F 83 27.57 -17.83 -10.33
C LEU F 83 27.11 -19.02 -9.50
N VAL F 84 25.91 -19.53 -9.79
CA VAL F 84 25.32 -20.63 -9.04
C VAL F 84 25.37 -21.89 -9.88
N PHE F 85 25.88 -22.97 -9.29
CA PHE F 85 25.98 -24.27 -9.93
C PHE F 85 25.01 -25.24 -9.27
N ALA F 86 24.12 -25.84 -10.06
CA ALA F 86 23.21 -26.86 -9.55
C ALA F 86 23.96 -28.20 -9.45
N ALA F 87 24.91 -28.24 -8.51
CA ALA F 87 25.79 -29.39 -8.38
C ALA F 87 25.06 -30.60 -7.80
N GLY F 88 24.16 -30.37 -6.84
CA GLY F 88 23.43 -31.48 -6.25
C GLY F 88 22.61 -32.24 -7.27
N ASP F 89 21.92 -31.52 -8.16
CA ASP F 89 21.17 -32.19 -9.21
C ASP F 89 22.08 -32.95 -10.15
N TYR F 90 23.27 -32.42 -10.42
CA TYR F 90 24.20 -33.10 -11.32
C TYR F 90 24.61 -34.45 -10.75
N PHE F 91 25.05 -34.49 -9.49
CA PHE F 91 25.45 -35.75 -8.88
C PHE F 91 24.26 -36.70 -8.71
N ALA F 92 23.05 -36.15 -8.55
CA ALA F 92 21.87 -37.01 -8.50
C ALA F 92 21.59 -37.64 -9.86
N ALA F 93 21.70 -36.86 -10.93
CA ALA F 93 21.51 -37.42 -12.27
C ALA F 93 22.57 -38.46 -12.59
N GLN F 94 23.73 -38.34 -11.97
CA GLN F 94 24.83 -39.28 -12.16
C GLN F 94 24.65 -40.56 -11.35
N GLY F 95 23.59 -40.68 -10.57
CA GLY F 95 23.31 -41.90 -9.83
C GLY F 95 23.80 -41.91 -8.42
N GLU F 96 24.27 -40.78 -7.88
CA GLU F 96 24.80 -40.75 -6.53
C GLU F 96 23.67 -40.68 -5.52
N GLN F 97 23.73 -41.56 -4.51
CA GLN F 97 22.74 -41.60 -3.44
C GLN F 97 23.30 -40.79 -2.27
N LEU F 98 22.87 -39.54 -2.17
CA LEU F 98 23.38 -38.64 -1.15
C LEU F 98 22.32 -38.37 -0.09
N PRO F 99 22.72 -38.22 1.17
CA PRO F 99 21.76 -37.89 2.23
C PRO F 99 21.04 -36.58 1.96
N GLU F 100 19.89 -36.41 2.62
CA GLU F 100 19.04 -35.25 2.41
C GLU F 100 18.93 -34.43 3.69
N PRO F 101 19.13 -33.11 3.63
CA PRO F 101 19.50 -32.31 2.45
C PRO F 101 20.98 -32.46 2.08
N ARG F 102 21.30 -32.28 0.81
CA ARG F 102 22.65 -32.53 0.32
C ARG F 102 23.64 -31.52 0.91
N PHE F 103 24.83 -32.00 1.27
CA PHE F 103 25.88 -31.09 1.71
C PHE F 103 26.29 -30.14 0.59
N VAL F 104 26.43 -30.66 -0.63
CA VAL F 104 26.67 -29.83 -1.81
C VAL F 104 25.44 -29.93 -2.70
N ASP F 105 24.65 -28.86 -2.75
CA ASP F 105 23.48 -28.83 -3.60
C ASP F 105 23.64 -27.74 -4.66
N GLU F 106 23.24 -26.51 -4.33
CA GLU F 106 23.45 -25.36 -5.20
C GLU F 106 24.66 -24.59 -4.69
N VAL F 107 25.72 -24.56 -5.50
CA VAL F 107 26.98 -23.93 -5.14
C VAL F 107 26.94 -22.47 -5.57
N VAL F 108 27.10 -21.56 -4.61
CA VAL F 108 27.08 -20.13 -4.87
C VAL F 108 28.51 -19.61 -4.85
N ILE F 109 28.97 -19.10 -5.99
CA ILE F 109 30.31 -18.53 -6.12
C ILE F 109 30.15 -17.03 -6.30
N ALA F 110 30.26 -16.28 -5.21
CA ALA F 110 30.21 -14.82 -5.25
C ALA F 110 31.59 -14.28 -5.59
N PHE F 111 31.65 -13.33 -6.51
CA PHE F 111 32.91 -12.77 -6.96
C PHE F 111 32.65 -11.40 -7.57
N GLY F 112 33.70 -10.59 -7.62
CA GLY F 112 33.62 -9.26 -8.20
C GLY F 112 34.50 -9.14 -9.43
N ILE F 113 34.15 -8.20 -10.30
CA ILE F 113 34.90 -7.92 -11.52
C ILE F 113 35.35 -6.47 -11.47
N ALA F 114 36.67 -6.25 -11.46
CA ALA F 114 37.22 -4.92 -11.33
C ALA F 114 37.65 -4.30 -12.65
N ASP F 115 37.78 -5.09 -13.71
CA ASP F 115 38.30 -4.61 -14.99
C ASP F 115 37.50 -5.28 -16.10
N ALA F 116 36.66 -4.51 -16.79
CA ALA F 116 35.79 -5.06 -17.82
C ALA F 116 36.53 -5.41 -19.10
N SER F 117 37.78 -4.96 -19.25
CA SER F 117 38.56 -5.30 -20.44
C SER F 117 39.33 -6.61 -20.30
N GLN F 118 39.32 -7.21 -19.12
CA GLN F 118 40.05 -8.45 -18.87
C GLN F 118 39.11 -9.64 -18.87
N ASN F 119 39.65 -10.81 -19.23
CA ASN F 119 38.89 -12.05 -19.16
C ASN F 119 38.87 -12.58 -17.73
N TYR F 120 37.74 -13.16 -17.33
CA TYR F 120 37.59 -13.77 -16.01
C TYR F 120 37.09 -15.20 -16.20
N HIS F 121 37.95 -16.17 -15.90
CA HIS F 121 37.61 -17.58 -15.95
C HIS F 121 37.42 -18.08 -14.52
N VAL F 122 36.18 -18.42 -14.17
CA VAL F 122 35.84 -18.83 -12.81
C VAL F 122 35.36 -20.28 -12.82
N PRO F 123 36.27 -21.25 -12.77
CA PRO F 123 35.84 -22.65 -12.85
C PRO F 123 35.39 -23.19 -11.50
N LEU F 124 34.85 -24.40 -11.55
CA LEU F 124 34.41 -25.13 -10.36
C LEU F 124 35.00 -26.52 -10.40
N VAL F 125 35.70 -26.89 -9.33
CA VAL F 125 36.29 -28.21 -9.15
C VAL F 125 35.54 -28.83 -7.97
N VAL F 126 34.63 -29.77 -8.24
CA VAL F 126 33.57 -30.09 -7.29
C VAL F 126 33.43 -31.60 -7.11
N SER F 127 33.11 -32.00 -5.89
CA SER F 127 32.62 -33.32 -5.52
C SER F 127 31.42 -33.08 -4.60
N PRO F 128 30.66 -34.14 -4.26
CA PRO F 128 29.53 -33.95 -3.35
C PRO F 128 29.90 -33.49 -1.95
N TRP F 129 31.19 -33.43 -1.61
CA TRP F 129 31.62 -33.10 -0.26
C TRP F 129 32.71 -32.03 -0.24
N ALA F 130 32.99 -31.40 -1.37
CA ALA F 130 34.06 -30.40 -1.45
C ALA F 130 33.94 -29.67 -2.78
N TYR F 131 34.36 -28.41 -2.79
CA TYR F 131 34.55 -27.70 -4.05
C TYR F 131 35.59 -26.61 -3.86
N SER F 132 36.18 -26.20 -4.98
CA SER F 132 37.18 -25.15 -5.00
C SER F 132 36.97 -24.28 -6.22
N THR F 133 37.26 -22.99 -6.08
CA THR F 133 37.18 -22.07 -7.20
C THR F 133 38.39 -21.15 -7.16
N TYR F 134 38.62 -20.47 -8.28
CA TYR F 134 39.75 -19.56 -8.41
C TYR F 134 39.54 -18.72 -9.66
N ARG F 135 40.38 -17.70 -9.81
CA ARG F 135 40.43 -16.92 -11.04
C ARG F 135 41.41 -17.62 -11.98
N GLY F 136 40.88 -18.31 -12.99
CA GLY F 136 41.69 -19.02 -13.94
C GLY F 136 42.23 -18.10 -15.03
N SER F 137 42.74 -18.74 -16.08
CA SER F 137 43.32 -18.00 -17.20
C SER F 137 42.83 -18.54 -18.55
N MET G 21 -33.04 -7.15 -24.59
CA MET G 21 -32.27 -7.13 -23.36
C MET G 21 -31.15 -8.17 -23.41
N GLY G 22 -29.93 -7.72 -23.15
CA GLY G 22 -28.76 -8.58 -23.32
C GLY G 22 -28.62 -9.62 -22.23
N LYS G 23 -27.77 -10.60 -22.50
CA LYS G 23 -27.53 -11.71 -21.60
C LYS G 23 -26.04 -12.01 -21.53
N LEU G 24 -25.59 -12.47 -20.38
CA LEU G 24 -24.22 -12.95 -20.19
C LEU G 24 -24.24 -14.45 -19.99
N SER G 25 -23.40 -15.17 -20.75
CA SER G 25 -23.38 -16.62 -20.72
C SER G 25 -21.95 -17.11 -20.84
N THR G 26 -21.76 -18.38 -20.51
CA THR G 26 -20.44 -19.00 -20.56
C THR G 26 -20.59 -20.48 -20.89
N HIS G 27 -19.44 -21.14 -21.07
CA HIS G 27 -19.41 -22.52 -21.53
C HIS G 27 -18.03 -23.06 -21.26
N VAL G 28 -17.93 -24.04 -20.36
CA VAL G 28 -16.64 -24.65 -20.02
C VAL G 28 -16.42 -25.88 -20.89
N LEU G 29 -15.24 -25.96 -21.49
CA LEU G 29 -14.87 -27.08 -22.34
CA LEU G 29 -14.87 -27.08 -22.35
C LEU G 29 -13.56 -27.68 -21.86
N ASP G 30 -13.54 -29.00 -21.66
CA ASP G 30 -12.37 -29.72 -21.18
C ASP G 30 -11.67 -30.33 -22.39
N ILE G 31 -10.52 -29.77 -22.77
CA ILE G 31 -9.80 -30.23 -23.95
C ILE G 31 -8.83 -31.35 -23.61
N THR G 32 -8.92 -31.89 -22.40
CA THR G 32 -8.21 -33.12 -22.08
C THR G 32 -9.01 -34.36 -22.43
N LYS G 33 -10.33 -34.22 -22.54
CA LYS G 33 -11.20 -35.33 -22.91
C LYS G 33 -12.19 -34.98 -24.00
N GLY G 34 -12.13 -33.76 -24.53
CA GLY G 34 -13.02 -33.36 -25.61
C GLY G 34 -14.49 -33.36 -25.23
N LYS G 35 -14.80 -33.01 -23.99
CA LYS G 35 -16.15 -33.04 -23.47
C LYS G 35 -16.43 -31.75 -22.72
N PRO G 36 -17.70 -31.44 -22.46
CA PRO G 36 -18.01 -30.27 -21.63
C PRO G 36 -17.47 -30.43 -20.22
N GLY G 37 -17.06 -29.31 -19.63
CA GLY G 37 -16.71 -29.29 -18.23
C GLY G 37 -17.94 -29.35 -17.34
N VAL G 38 -18.20 -30.51 -16.74
CA VAL G 38 -19.39 -30.72 -15.92
C VAL G 38 -18.99 -30.58 -14.45
N GLY G 39 -19.85 -29.91 -13.69
CA GLY G 39 -19.59 -29.68 -12.28
C GLY G 39 -18.58 -28.61 -11.98
N VAL G 40 -18.24 -27.77 -12.95
CA VAL G 40 -17.26 -26.72 -12.73
C VAL G 40 -17.91 -25.60 -11.93
N LYS G 41 -17.33 -25.28 -10.80
CA LYS G 41 -17.85 -24.21 -10.00
C LYS G 41 -17.29 -22.88 -10.47
N LEU G 42 -18.17 -21.89 -10.62
CA LEU G 42 -17.79 -20.60 -11.15
C LEU G 42 -18.50 -19.51 -10.37
N ALA G 43 -17.96 -18.30 -10.45
CA ALA G 43 -18.49 -17.16 -9.74
C ALA G 43 -18.30 -15.91 -10.60
N LEU G 44 -19.34 -15.07 -10.63
CA LEU G 44 -19.31 -13.83 -11.39
C LEU G 44 -19.18 -12.66 -10.43
N TYR G 45 -18.30 -11.72 -10.77
CA TYR G 45 -18.02 -10.57 -9.93
C TYR G 45 -18.12 -9.28 -10.74
N ALA G 46 -18.60 -8.22 -10.07
CA ALA G 46 -18.41 -6.86 -10.54
C ALA G 46 -17.10 -6.35 -9.96
N VAL G 47 -16.32 -5.65 -10.78
CA VAL G 47 -14.95 -5.28 -10.42
C VAL G 47 -14.82 -3.76 -10.43
N GLY G 48 -14.14 -3.24 -9.41
CA GLY G 48 -13.83 -1.83 -9.33
C GLY G 48 -12.42 -1.59 -8.80
N PRO G 49 -12.08 -0.32 -8.58
CA PRO G 49 -10.70 0.00 -8.14
C PRO G 49 -10.27 -0.67 -6.86
N VAL G 50 -11.19 -0.93 -5.93
CA VAL G 50 -10.81 -1.51 -4.65
C VAL G 50 -10.86 -3.04 -4.66
N GLY G 51 -11.63 -3.64 -5.56
CA GLY G 51 -11.76 -5.09 -5.59
C GLY G 51 -13.03 -5.50 -6.31
N LYS G 52 -13.49 -6.71 -5.99
CA LYS G 52 -14.59 -7.33 -6.70
C LYS G 52 -15.72 -7.68 -5.75
N THR G 53 -16.95 -7.54 -6.24
CA THR G 53 -18.15 -7.83 -5.48
C THR G 53 -18.85 -9.03 -6.12
N LEU G 54 -19.19 -10.02 -5.30
CA LEU G 54 -19.79 -11.24 -5.81
C LEU G 54 -21.21 -10.97 -6.29
N LEU G 55 -21.49 -11.34 -7.54
CA LEU G 55 -22.81 -11.14 -8.14
C LEU G 55 -23.63 -12.42 -8.22
N LYS G 56 -23.02 -13.52 -8.63
CA LYS G 56 -23.75 -14.78 -8.81
C LYS G 56 -22.77 -15.93 -8.79
N GLN G 57 -23.21 -17.07 -8.26
CA GLN G 57 -22.50 -18.32 -8.33
C GLN G 57 -23.24 -19.31 -9.22
N ALA G 58 -22.51 -20.31 -9.71
CA ALA G 58 -23.11 -21.32 -10.57
C ALA G 58 -22.23 -22.57 -10.57
N VAL G 59 -22.82 -23.67 -11.02
CA VAL G 59 -22.10 -24.92 -11.27
C VAL G 59 -22.54 -25.43 -12.64
N THR G 60 -21.56 -25.73 -13.50
CA THR G 60 -21.89 -26.09 -14.88
C THR G 60 -22.67 -27.39 -14.92
N ASN G 61 -23.59 -27.46 -15.89
CA ASN G 61 -24.49 -28.59 -16.02
C ASN G 61 -23.84 -29.67 -16.89
N SER G 62 -24.65 -30.61 -17.41
CA SER G 62 -24.12 -31.71 -18.21
C SER G 62 -23.57 -31.26 -19.55
N ASP G 63 -23.95 -30.07 -20.01
CA ASP G 63 -23.45 -29.50 -21.25
C ASP G 63 -22.35 -28.48 -21.01
N GLY G 64 -21.84 -28.38 -19.79
CA GLY G 64 -20.81 -27.42 -19.48
C GLY G 64 -21.27 -25.99 -19.49
N ARG G 65 -22.57 -25.75 -19.37
CA ARG G 65 -23.17 -24.42 -19.36
C ARG G 65 -23.91 -24.21 -18.03
N CYS G 66 -24.60 -23.08 -17.93
CA CYS G 66 -25.41 -22.75 -16.77
C CYS G 66 -26.89 -22.88 -17.12
N ASP G 67 -27.66 -23.46 -16.20
CA ASP G 67 -29.09 -23.61 -16.42
C ASP G 67 -29.81 -22.27 -16.50
N GLU G 68 -29.22 -21.22 -15.93
CA GLU G 68 -29.76 -19.88 -16.00
C GLU G 68 -28.65 -18.91 -16.39
N PRO G 69 -28.99 -17.82 -17.08
CA PRO G 69 -27.97 -16.84 -17.45
C PRO G 69 -27.32 -16.23 -16.21
N LEU G 70 -26.03 -15.97 -16.32
CA LEU G 70 -25.32 -15.31 -15.22
C LEU G 70 -25.91 -13.92 -14.96
N LEU G 71 -26.12 -13.15 -16.04
CA LEU G 71 -26.77 -11.85 -15.96
C LEU G 71 -27.67 -11.69 -17.18
N ALA G 72 -28.80 -11.01 -16.97
CA ALA G 72 -29.77 -10.80 -18.04
C ALA G 72 -30.70 -9.66 -17.67
N GLY G 73 -31.17 -8.95 -18.68
CA GLY G 73 -32.13 -7.89 -18.45
C GLY G 73 -31.49 -6.70 -17.76
N GLU G 74 -32.20 -6.15 -16.77
CA GLU G 74 -31.70 -5.00 -16.03
C GLU G 74 -30.55 -5.36 -15.10
N ALA G 75 -30.29 -6.64 -14.86
CA ALA G 75 -29.13 -7.04 -14.08
C ALA G 75 -27.84 -6.93 -14.88
N LEU G 76 -27.92 -7.01 -16.21
CA LEU G 76 -26.76 -6.85 -17.07
C LEU G 76 -26.53 -5.35 -17.28
N GLN G 77 -25.40 -4.85 -16.77
CA GLN G 77 -25.11 -3.42 -16.83
C GLN G 77 -23.71 -3.21 -17.40
N VAL G 78 -23.53 -2.03 -18.00
CA VAL G 78 -22.23 -1.64 -18.52
C VAL G 78 -21.23 -1.56 -17.37
N GLY G 79 -20.12 -2.29 -17.51
CA GLY G 79 -19.09 -2.23 -16.49
C GLY G 79 -18.09 -3.35 -16.67
N LYS G 80 -17.20 -3.45 -15.69
CA LYS G 80 -16.12 -4.43 -15.69
C LYS G 80 -16.50 -5.61 -14.81
N TYR G 81 -16.20 -6.82 -15.28
CA TYR G 81 -16.60 -8.05 -14.59
C TYR G 81 -15.41 -9.00 -14.54
N GLU G 82 -15.59 -10.08 -13.78
CA GLU G 82 -14.63 -11.17 -13.73
C GLU G 82 -15.39 -12.48 -13.53
N LEU G 83 -15.11 -13.45 -14.38
CA LEU G 83 -15.63 -14.81 -14.24
C LEU G 83 -14.51 -15.69 -13.70
N VAL G 84 -14.71 -16.24 -12.51
CA VAL G 84 -13.69 -17.06 -11.85
C VAL G 84 -14.15 -18.51 -11.91
N PHE G 85 -13.34 -19.35 -12.56
CA PHE G 85 -13.62 -20.76 -12.73
C PHE G 85 -12.72 -21.59 -11.82
N ALA G 86 -13.33 -22.48 -11.03
CA ALA G 86 -12.58 -23.40 -10.18
C ALA G 86 -12.08 -24.60 -11.01
N ALA G 87 -11.22 -24.27 -11.98
CA ALA G 87 -10.72 -25.30 -12.89
C ALA G 87 -9.81 -26.30 -12.19
N GLY G 88 -9.06 -25.86 -11.18
CA GLY G 88 -8.16 -26.77 -10.49
C GLY G 88 -8.92 -27.84 -9.73
N ASP G 89 -9.99 -27.46 -9.04
CA ASP G 89 -10.83 -28.43 -8.35
C ASP G 89 -11.53 -29.37 -9.33
N TYR G 90 -11.91 -28.87 -10.50
CA TYR G 90 -12.52 -29.72 -11.50
C TYR G 90 -11.57 -30.82 -11.95
N PHE G 91 -10.32 -30.46 -12.29
CA PHE G 91 -9.39 -31.45 -12.81
C PHE G 91 -8.99 -32.43 -11.71
N ALA G 92 -8.88 -31.96 -10.47
CA ALA G 92 -8.67 -32.88 -9.36
C ALA G 92 -9.80 -33.88 -9.26
N ALA G 93 -11.05 -33.42 -9.39
CA ALA G 93 -12.19 -34.32 -9.37
C ALA G 93 -12.20 -35.28 -10.55
N GLN G 94 -11.51 -34.95 -11.63
CA GLN G 94 -11.41 -35.82 -12.80
C GLN G 94 -10.28 -36.83 -12.70
N GLY G 95 -9.57 -36.87 -11.58
CA GLY G 95 -8.47 -37.81 -11.40
C GLY G 95 -7.09 -37.21 -11.56
N GLU G 96 -6.99 -35.95 -11.97
CA GLU G 96 -5.69 -35.32 -12.13
C GLU G 96 -5.02 -35.13 -10.77
N GLN G 97 -3.77 -35.58 -10.66
CA GLN G 97 -2.97 -35.41 -9.45
C GLN G 97 -1.79 -34.51 -9.79
N LEU G 98 -1.92 -33.23 -9.47
CA LEU G 98 -0.92 -32.22 -9.77
C LEU G 98 -0.47 -31.54 -8.48
N PRO G 99 0.84 -31.35 -8.28
CA PRO G 99 1.30 -30.72 -7.03
C PRO G 99 0.79 -29.28 -6.90
N GLU G 100 0.40 -28.92 -5.68
CA GLU G 100 -0.16 -27.61 -5.41
C GLU G 100 0.91 -26.65 -4.94
N PRO G 101 0.78 -25.34 -5.25
CA PRO G 101 -0.31 -24.71 -6.02
C PRO G 101 -0.28 -25.09 -7.50
N ARG G 102 -1.45 -25.46 -8.03
CA ARG G 102 -1.55 -25.86 -9.42
C ARG G 102 -1.29 -24.68 -10.34
N PHE G 103 -0.71 -24.97 -11.52
CA PHE G 103 -0.52 -23.92 -12.50
C PHE G 103 -1.85 -23.31 -12.91
N VAL G 104 -2.87 -24.14 -13.13
CA VAL G 104 -4.23 -23.71 -13.41
C VAL G 104 -5.09 -24.12 -12.23
N ASP G 105 -5.44 -23.15 -11.38
CA ASP G 105 -6.33 -23.46 -10.28
C ASP G 105 -7.65 -22.72 -10.47
N GLU G 106 -7.78 -21.53 -9.89
CA GLU G 106 -8.91 -20.65 -10.16
C GLU G 106 -8.54 -19.76 -11.34
N VAL G 107 -9.21 -19.97 -12.47
CA VAL G 107 -8.98 -19.19 -13.68
C VAL G 107 -9.82 -17.92 -13.60
N VAL G 108 -9.16 -16.77 -13.76
CA VAL G 108 -9.80 -15.46 -13.69
C VAL G 108 -9.91 -14.91 -15.10
N ILE G 109 -11.14 -14.67 -15.55
CA ILE G 109 -11.39 -14.08 -16.86
C ILE G 109 -11.96 -12.69 -16.63
N ALA G 110 -11.11 -11.67 -16.74
CA ALA G 110 -11.53 -10.28 -16.64
C ALA G 110 -12.00 -9.78 -18.00
N PHE G 111 -13.16 -9.13 -18.03
CA PHE G 111 -13.68 -8.60 -19.29
C PHE G 111 -14.63 -7.44 -18.99
N GLY G 112 -14.78 -6.56 -19.97
CA GLY G 112 -15.68 -5.43 -19.88
C GLY G 112 -16.89 -5.63 -20.78
N ILE G 113 -18.00 -5.02 -20.38
CA ILE G 113 -19.22 -5.01 -21.17
C ILE G 113 -19.53 -3.56 -21.52
N ALA G 114 -19.49 -3.23 -22.80
CA ALA G 114 -19.70 -1.87 -23.26
C ALA G 114 -21.13 -1.58 -23.70
N ASP G 115 -21.92 -2.61 -23.98
CA ASP G 115 -23.28 -2.44 -24.51
C ASP G 115 -24.19 -3.44 -23.82
N ALA G 116 -25.01 -2.95 -22.90
CA ALA G 116 -25.87 -3.82 -22.11
C ALA G 116 -27.04 -4.41 -22.92
N SER G 117 -27.25 -3.95 -24.14
CA SER G 117 -28.31 -4.48 -24.99
C SER G 117 -27.82 -5.63 -25.86
N GLN G 118 -26.54 -5.96 -25.81
CA GLN G 118 -25.98 -7.08 -26.57
C GLN G 118 -25.75 -8.28 -25.67
N ASN G 119 -25.73 -9.45 -26.30
CA ASN G 119 -25.39 -10.69 -25.62
C ASN G 119 -23.88 -10.86 -25.61
N TYR G 120 -23.36 -11.35 -24.49
CA TYR G 120 -21.93 -11.62 -24.32
C TYR G 120 -21.78 -13.08 -23.89
N HIS G 121 -21.13 -13.87 -24.73
CA HIS G 121 -20.86 -15.28 -24.47
C HIS G 121 -19.35 -15.45 -24.31
N VAL G 122 -18.93 -15.75 -23.08
CA VAL G 122 -17.51 -15.81 -22.73
C VAL G 122 -17.15 -17.22 -22.28
N PRO G 123 -16.78 -18.11 -23.20
CA PRO G 123 -16.48 -19.50 -22.84
C PRO G 123 -15.04 -19.67 -22.36
N LEU G 124 -14.81 -20.81 -21.71
CA LEU G 124 -13.49 -21.20 -21.23
C LEU G 124 -13.13 -22.54 -21.84
N VAL G 125 -12.02 -22.56 -22.58
CA VAL G 125 -11.50 -23.76 -23.22
C VAL G 125 -10.20 -24.08 -22.51
N VAL G 126 -10.19 -25.11 -21.66
CA VAL G 126 -9.21 -25.22 -20.60
C VAL G 126 -8.64 -26.63 -20.51
N SER G 127 -7.35 -26.73 -20.21
CA SER G 127 -6.66 -27.91 -19.73
C SER G 127 -5.95 -27.52 -18.45
N PRO G 128 -5.38 -28.49 -17.72
CA PRO G 128 -4.61 -28.13 -16.51
C PRO G 128 -3.37 -27.29 -16.80
N TRP G 129 -3.01 -27.09 -18.06
CA TRP G 129 -1.79 -26.36 -18.40
C TRP G 129 -2.01 -25.30 -19.48
N ALA G 130 -3.26 -25.00 -19.83
CA ALA G 130 -3.56 -24.00 -20.84
C ALA G 130 -5.04 -23.64 -20.77
N TYR G 131 -5.37 -22.43 -21.18
CA TYR G 131 -6.76 -22.06 -21.40
C TYR G 131 -6.82 -20.88 -22.35
N SER G 132 -7.99 -20.74 -22.99
CA SER G 132 -8.25 -19.64 -23.89
C SER G 132 -9.68 -19.16 -23.67
N THR G 133 -9.91 -17.89 -23.97
CA THR G 133 -11.25 -17.33 -23.93
C THR G 133 -11.40 -16.36 -25.09
N TYR G 134 -12.66 -16.06 -25.40
CA TYR G 134 -12.98 -15.14 -26.49
C TYR G 134 -14.42 -14.68 -26.31
N ARG G 135 -14.76 -13.60 -26.99
CA ARG G 135 -16.16 -13.18 -27.05
C ARG G 135 -16.84 -13.98 -28.16
N GLY G 136 -17.67 -14.95 -27.77
CA GLY G 136 -18.37 -15.78 -28.72
C GLY G 136 -19.71 -15.20 -29.12
N SER G 137 -20.48 -16.03 -29.83
CA SER G 137 -21.85 -15.67 -30.18
C SER G 137 -22.82 -16.73 -29.67
N MET H 21 25.16 -35.43 20.32
CA MET H 21 24.70 -34.16 19.77
C MET H 21 25.79 -33.49 18.93
N GLY H 22 25.51 -33.31 17.64
CA GLY H 22 26.51 -32.80 16.73
C GLY H 22 26.74 -31.30 16.86
N LYS H 23 27.85 -30.85 16.30
CA LYS H 23 28.26 -29.46 16.37
C LYS H 23 28.71 -28.97 15.00
N LEU H 24 28.44 -27.70 14.72
CA LEU H 24 28.86 -27.05 13.49
C LEU H 24 29.98 -26.06 13.81
N SER H 25 31.10 -26.20 13.10
CA SER H 25 32.28 -25.36 13.34
C SER H 25 32.92 -25.01 12.01
N THR H 26 33.89 -24.09 12.07
CA THR H 26 34.56 -23.62 10.87
C THR H 26 36.00 -23.27 11.21
N HIS H 27 36.75 -22.90 10.17
CA HIS H 27 38.18 -22.61 10.29
C HIS H 27 38.63 -21.87 9.04
N VAL H 28 39.22 -20.70 9.19
CA VAL H 28 39.72 -19.91 8.07
C VAL H 28 41.24 -20.05 8.02
N LEU H 29 41.77 -20.29 6.82
CA LEU H 29 43.20 -20.46 6.63
CA LEU H 29 43.21 -20.46 6.63
C LEU H 29 43.67 -19.54 5.52
N ASP H 30 44.66 -18.70 5.82
CA ASP H 30 45.20 -17.73 4.86
C ASP H 30 46.38 -18.36 4.14
N ILE H 31 46.17 -18.78 2.89
CA ILE H 31 47.21 -19.46 2.13
C ILE H 31 48.18 -18.51 1.44
N THR H 32 47.98 -17.19 1.56
CA THR H 32 49.04 -16.28 1.13
C THR H 32 50.19 -16.25 2.12
N LYS H 33 49.96 -16.69 3.36
CA LYS H 33 50.99 -16.67 4.39
C LYS H 33 51.08 -17.98 5.16
N GLY H 34 50.21 -18.96 4.88
CA GLY H 34 50.25 -20.22 5.61
C GLY H 34 49.94 -20.09 7.07
N LYS H 35 49.02 -19.21 7.43
CA LYS H 35 48.63 -18.94 8.80
C LYS H 35 47.12 -18.92 8.89
N PRO H 36 46.55 -19.11 10.09
CA PRO H 36 45.10 -18.93 10.24
C PRO H 36 44.69 -17.52 9.88
N GLY H 37 43.51 -17.39 9.29
CA GLY H 37 42.90 -16.09 9.12
C GLY H 37 42.34 -15.58 10.43
N VAL H 38 43.01 -14.60 11.03
CA VAL H 38 42.67 -14.11 12.36
C VAL H 38 41.85 -12.83 12.23
N GLY H 39 40.72 -12.78 12.94
CA GLY H 39 39.85 -11.62 12.89
C GLY H 39 38.86 -11.58 11.76
N VAL H 40 38.63 -12.71 11.08
CA VAL H 40 37.69 -12.75 9.97
C VAL H 40 36.27 -12.75 10.52
N LYS H 41 35.50 -11.71 10.20
CA LYS H 41 34.10 -11.69 10.59
C LYS H 41 33.31 -12.65 9.72
N LEU H 42 32.37 -13.37 10.34
CA LEU H 42 31.55 -14.33 9.61
C LEU H 42 30.15 -14.34 10.20
N ALA H 43 29.20 -14.82 9.40
CA ALA H 43 27.82 -14.91 9.81
C ALA H 43 27.25 -16.23 9.32
N LEU H 44 26.37 -16.81 10.13
CA LEU H 44 25.67 -18.04 9.79
C LEU H 44 24.20 -17.74 9.60
N TYR H 45 23.65 -18.16 8.46
CA TYR H 45 22.24 -17.94 8.13
C TYR H 45 21.55 -19.28 7.96
N ALA H 46 20.35 -19.39 8.51
CA ALA H 46 19.45 -20.48 8.15
C ALA H 46 18.74 -20.12 6.86
N VAL H 47 18.78 -21.03 5.89
CA VAL H 47 18.20 -20.80 4.57
C VAL H 47 16.95 -21.65 4.44
N GLY H 48 15.85 -21.01 4.07
CA GLY H 48 14.59 -21.70 3.88
C GLY H 48 13.89 -21.26 2.61
N PRO H 49 12.63 -21.68 2.45
CA PRO H 49 11.90 -21.32 1.23
C PRO H 49 11.75 -19.81 1.01
N VAL H 50 11.35 -19.06 2.05
CA VAL H 50 11.00 -17.66 1.85
C VAL H 50 12.16 -16.70 2.05
N GLY H 51 13.29 -17.16 2.57
CA GLY H 51 14.43 -16.27 2.75
C GLY H 51 15.43 -16.86 3.73
N LYS H 52 16.29 -15.98 4.24
CA LYS H 52 17.37 -16.35 5.12
C LYS H 52 17.19 -15.70 6.48
N THR H 53 17.66 -16.39 7.52
CA THR H 53 17.55 -15.92 8.89
C THR H 53 18.93 -15.92 9.53
N LEU H 54 19.37 -14.76 10.02
CA LEU H 54 20.65 -14.68 10.70
C LEU H 54 20.60 -15.44 12.02
N LEU H 55 21.46 -16.45 12.15
CA LEU H 55 21.53 -17.26 13.37
C LEU H 55 22.61 -16.77 14.32
N LYS H 56 23.80 -16.47 13.83
CA LYS H 56 24.90 -16.09 14.70
C LYS H 56 25.95 -15.34 13.89
N GLN H 57 26.61 -14.40 14.55
CA GLN H 57 27.79 -13.72 14.02
C GLN H 57 28.98 -14.02 14.91
N ALA H 58 30.14 -14.21 14.29
CA ALA H 58 31.35 -14.54 15.04
C ALA H 58 32.56 -13.92 14.35
N VAL H 59 33.68 -13.94 15.05
CA VAL H 59 34.96 -13.48 14.53
C VAL H 59 36.00 -14.55 14.85
N THR H 60 36.82 -14.89 13.86
CA THR H 60 37.81 -15.95 14.06
C THR H 60 38.88 -15.50 15.05
N ASN H 61 39.33 -16.45 15.88
CA ASN H 61 40.27 -16.16 16.95
C ASN H 61 41.70 -16.26 16.42
N SER H 62 42.67 -16.45 17.31
CA SER H 62 44.07 -16.53 16.91
C SER H 62 44.39 -17.82 16.15
N ASP H 63 43.57 -18.85 16.29
CA ASP H 63 43.76 -20.10 15.56
C ASP H 63 42.87 -20.17 14.32
N GLY H 64 42.23 -19.07 13.94
CA GLY H 64 41.38 -19.06 12.78
C GLY H 64 40.04 -19.73 12.97
N ARG H 65 39.70 -20.13 14.19
CA ARG H 65 38.45 -20.80 14.51
C ARG H 65 37.56 -19.86 15.34
N CYS H 66 36.46 -20.40 15.85
CA CYS H 66 35.56 -19.68 16.74
C CYS H 66 35.72 -20.24 18.15
N ASP H 67 35.63 -19.35 19.15
CA ASP H 67 35.79 -19.78 20.53
C ASP H 67 34.62 -20.67 20.97
N GLU H 68 33.45 -20.51 20.37
CA GLU H 68 32.30 -21.37 20.61
C GLU H 68 31.84 -21.97 19.29
N PRO H 69 31.27 -23.17 19.32
CA PRO H 69 30.70 -23.74 18.09
C PRO H 69 29.62 -22.82 17.53
N LEU H 70 29.55 -22.75 16.20
CA LEU H 70 28.51 -21.95 15.56
C LEU H 70 27.13 -22.48 15.92
N LEU H 71 26.95 -23.80 15.87
CA LEU H 71 25.73 -24.45 16.33
C LEU H 71 26.12 -25.71 17.11
N ALA H 72 25.30 -26.05 18.10
CA ALA H 72 25.55 -27.21 18.93
C ALA H 72 24.27 -27.61 19.63
N GLY H 73 24.14 -28.90 19.91
CA GLY H 73 22.98 -29.39 20.63
C GLY H 73 21.70 -29.25 19.83
N GLU H 74 20.65 -28.78 20.49
CA GLU H 74 19.36 -28.61 19.83
C GLU H 74 19.37 -27.45 18.84
N ALA H 75 20.35 -26.56 18.91
CA ALA H 75 20.46 -25.49 17.93
C ALA H 75 20.89 -26.01 16.56
N LEU H 76 21.53 -27.17 16.50
CA LEU H 76 21.92 -27.80 15.24
C LEU H 76 20.74 -28.61 14.72
N GLN H 77 20.15 -28.16 13.62
CA GLN H 77 18.98 -28.82 13.07
C GLN H 77 19.24 -29.19 11.62
N VAL H 78 18.48 -30.19 11.15
CA VAL H 78 18.52 -30.58 9.75
C VAL H 78 17.95 -29.46 8.90
N GLY H 79 18.72 -29.04 7.91
CA GLY H 79 18.26 -27.99 7.02
C GLY H 79 19.43 -27.39 6.25
N LYS H 80 19.11 -26.35 5.49
CA LYS H 80 20.07 -25.66 4.64
C LYS H 80 20.59 -24.41 5.34
N TYR H 81 21.88 -24.13 5.16
CA TYR H 81 22.54 -23.01 5.83
C TYR H 81 23.40 -22.26 4.83
N GLU H 82 23.89 -21.10 5.26
CA GLU H 82 24.88 -20.35 4.49
C GLU H 82 25.87 -19.70 5.46
N LEU H 83 27.16 -19.87 5.16
CA LEU H 83 28.23 -19.24 5.91
C LEU H 83 28.84 -18.14 5.05
N VAL H 84 28.85 -16.92 5.56
CA VAL H 84 29.33 -15.75 4.82
C VAL H 84 30.57 -15.23 5.53
N PHE H 85 31.72 -15.35 4.88
CA PHE H 85 33.00 -14.88 5.41
C PHE H 85 33.36 -13.56 4.74
N ALA H 86 33.67 -12.55 5.55
CA ALA H 86 34.13 -11.26 5.03
C ALA H 86 35.64 -11.35 4.73
N ALA H 87 35.97 -12.15 3.72
CA ALA H 87 37.37 -12.40 3.38
C ALA H 87 38.03 -11.15 2.81
N GLY H 88 37.30 -10.35 2.04
CA GLY H 88 37.88 -9.17 1.43
C GLY H 88 38.32 -8.14 2.46
N ASP H 89 37.46 -7.87 3.45
CA ASP H 89 37.84 -6.97 4.53
C ASP H 89 39.07 -7.48 5.27
N TYR H 90 39.19 -8.80 5.41
CA TYR H 90 40.34 -9.36 6.12
C TYR H 90 41.64 -9.11 5.35
N PHE H 91 41.62 -9.35 4.03
CA PHE H 91 42.83 -9.14 3.24
C PHE H 91 43.20 -7.67 3.14
N ALA H 92 42.21 -6.78 3.04
CA ALA H 92 42.51 -5.36 3.09
C ALA H 92 43.02 -4.95 4.46
N ALA H 93 42.57 -5.62 5.52
CA ALA H 93 43.04 -5.30 6.86
C ALA H 93 44.51 -5.68 7.03
N GLN H 94 45.00 -6.66 6.28
CA GLN H 94 46.38 -7.12 6.34
CA GLN H 94 46.39 -7.07 6.40
C GLN H 94 47.31 -6.31 5.45
N GLY H 95 46.80 -5.29 4.77
CA GLY H 95 47.61 -4.44 3.92
C GLY H 95 47.57 -4.74 2.44
N GLU H 96 46.74 -5.69 2.01
CA GLU H 96 46.66 -6.04 0.59
C GLU H 96 45.87 -4.97 -0.16
N GLN H 97 46.50 -4.36 -1.15
CA GLN H 97 45.85 -3.37 -2.00
C GLN H 97 45.28 -4.07 -3.22
N LEU H 98 43.95 -4.04 -3.35
CA LEU H 98 43.27 -4.73 -4.43
C LEU H 98 42.22 -3.81 -5.03
N PRO H 99 42.15 -3.69 -6.35
CA PRO H 99 41.12 -2.83 -6.96
C PRO H 99 39.72 -3.32 -6.64
N GLU H 100 38.82 -2.36 -6.37
CA GLU H 100 37.48 -2.82 -6.01
C GLU H 100 36.54 -2.75 -7.22
N PRO H 101 35.52 -3.62 -7.28
CA PRO H 101 35.17 -4.69 -6.33
C PRO H 101 36.15 -5.86 -6.35
N ARG H 102 36.61 -6.27 -5.17
CA ARG H 102 37.59 -7.36 -5.09
C ARG H 102 37.00 -8.65 -5.65
N PHE H 103 37.87 -9.46 -6.27
CA PHE H 103 37.44 -10.76 -6.76
C PHE H 103 36.93 -11.64 -5.62
N VAL H 104 37.65 -11.66 -4.51
CA VAL H 104 37.23 -12.38 -3.31
C VAL H 104 36.90 -11.33 -2.25
N ASP H 105 35.61 -11.05 -2.06
CA ASP H 105 35.17 -10.12 -1.05
C ASP H 105 34.41 -10.90 0.01
N GLU H 106 33.11 -11.06 -0.11
CA GLU H 106 32.32 -11.88 0.80
C GLU H 106 32.14 -13.26 0.20
N VAL H 107 32.70 -14.27 0.85
CA VAL H 107 32.60 -15.65 0.39
C VAL H 107 31.37 -16.29 1.01
N VAL H 108 30.50 -16.83 0.15
CA VAL H 108 29.26 -17.46 0.58
C VAL H 108 29.39 -18.96 0.38
N ILE H 109 29.26 -19.72 1.45
CA ILE H 109 29.33 -21.18 1.40
C ILE H 109 27.94 -21.70 1.79
N ALA H 110 27.15 -22.09 0.80
CA ALA H 110 25.86 -22.70 1.03
C ALA H 110 26.03 -24.21 1.16
N PHE H 111 25.45 -24.78 2.22
CA PHE H 111 25.55 -26.21 2.45
C PHE H 111 24.31 -26.69 3.19
N GLY H 112 24.11 -28.00 3.18
CA GLY H 112 23.00 -28.62 3.86
C GLY H 112 23.48 -29.56 4.96
N ILE H 113 22.74 -29.61 6.06
CA ILE H 113 23.03 -30.52 7.16
C ILE H 113 21.95 -31.58 7.18
N ALA H 114 22.35 -32.84 6.97
CA ALA H 114 21.41 -33.94 6.88
C ALA H 114 21.27 -34.74 8.17
N ASP H 115 22.30 -34.75 9.03
CA ASP H 115 22.28 -35.55 10.26
C ASP H 115 22.67 -34.64 11.42
N ALA H 116 21.72 -34.38 12.33
CA ALA H 116 21.96 -33.45 13.42
C ALA H 116 22.85 -34.03 14.51
N SER H 117 23.02 -35.35 14.54
CA SER H 117 23.88 -35.97 15.54
C SER H 117 25.33 -36.06 15.12
N GLN H 118 25.66 -35.65 13.90
CA GLN H 118 27.02 -35.66 13.39
C GLN H 118 27.64 -34.27 13.49
N ASN H 119 28.96 -34.24 13.56
CA ASN H 119 29.70 -32.98 13.51
C ASN H 119 29.90 -32.56 12.06
N TYR H 120 29.81 -31.25 11.81
CA TYR H 120 30.04 -30.68 10.49
C TYR H 120 31.08 -29.57 10.62
N HIS H 121 32.26 -29.80 10.05
CA HIS H 121 33.34 -28.82 10.05
C HIS H 121 33.50 -28.30 8.63
N VAL H 122 33.22 -27.01 8.44
CA VAL H 122 33.23 -26.39 7.13
C VAL H 122 34.30 -25.30 7.11
N PRO H 123 35.52 -25.62 6.75
CA PRO H 123 36.61 -24.64 6.78
C PRO H 123 36.70 -23.84 5.50
N LEU H 124 37.46 -22.74 5.58
CA LEU H 124 37.69 -21.86 4.44
C LEU H 124 39.20 -21.75 4.21
N VAL H 125 39.64 -22.18 3.04
CA VAL H 125 41.03 -22.09 2.59
C VAL H 125 41.03 -21.06 1.47
N VAL H 126 41.50 -19.84 1.77
CA VAL H 126 41.19 -18.68 0.94
C VAL H 126 42.46 -17.88 0.64
N SER H 127 42.51 -17.34 -0.57
CA SER H 127 43.41 -16.28 -0.97
C SER H 127 42.56 -15.20 -1.62
N PRO H 128 43.14 -14.03 -1.94
CA PRO H 128 42.36 -13.01 -2.67
C PRO H 128 41.96 -13.43 -4.08
N TRP H 129 42.37 -14.61 -4.55
CA TRP H 129 42.04 -15.03 -5.91
C TRP H 129 41.54 -16.47 -5.98
N ALA H 130 41.28 -17.10 -4.84
CA ALA H 130 40.86 -18.48 -4.79
C ALA H 130 40.31 -18.79 -3.41
N TYR H 131 39.36 -19.73 -3.35
CA TYR H 131 38.94 -20.29 -2.08
C TYR H 131 38.42 -21.70 -2.34
N SER H 132 38.53 -22.54 -1.31
CA SER H 132 38.04 -23.91 -1.36
C SER H 132 37.44 -24.27 -0.01
N THR H 133 36.44 -25.14 -0.05
CA THR H 133 35.83 -25.63 1.17
C THR H 133 35.55 -27.12 1.02
N TYR H 134 35.37 -27.79 2.16
CA TYR H 134 35.06 -29.21 2.18
C TYR H 134 34.36 -29.51 3.50
N ARG H 135 33.90 -30.75 3.62
CA ARG H 135 33.33 -31.23 4.87
C ARG H 135 34.43 -31.89 5.68
N GLY H 136 34.80 -31.27 6.80
CA GLY H 136 35.72 -31.88 7.74
C GLY H 136 34.98 -32.75 8.76
N SER H 137 35.76 -33.48 9.54
CA SER H 137 35.21 -34.38 10.55
C SER H 137 35.19 -33.72 11.93
#